data_8SKN
#
_entry.id   8SKN
#
_cell.length_a   47.580
_cell.length_b   81.270
_cell.length_c   97.080
_cell.angle_alpha   90.00
_cell.angle_beta   101.19
_cell.angle_gamma   90.00
#
_symmetry.space_group_name_H-M   'P 1 21 1'
#
loop_
_entity.id
_entity.type
_entity.pdbx_description
1 polymer 'Dynamin-1-like protein GTPase-BSE fusion'
2 non-polymer N-[4-(azetidin-1-yl)-2-(4-methylphenyl)quinolin-6-yl]-2-methylpropanamide
3 non-polymer 1,2-ETHANEDIOL
4 water water
#
_entity_poly.entity_id   1
_entity_poly.type   'polypeptide(L)'
_entity_poly.pdbx_seq_one_letter_code
;MGSSHHHHHHSSGLVPRGSHMEALIPVINKLQDVFNTVGADIIQLPQIVVVGTQSSGKSSVLESLVGRDLLPRGTGIVTR
RPLILQLVHVSQEDKRKTTGEENGVEAEEWGKFLHTKNKLYTDFDEIRQEIENETERISGNNKGVSPEPIHLKIFSPNVV
NLTLVDLPGMTKVPVGDQPKDIELQIRELILRFISNPNSIILAVTAANTDMATSEALKISREVDPDGRRTLAVITKLDLM
DAGTDAMDVLMGRVIPVKLGIIGVVNRSQLDINNKKSVTDSIRDEYAFLQKKYPSLANRNGTKYLARTLNRLLMHHIRDC
LPELKTRINVLAAQYQSLLNSYGEPVDDKHGTDSRRKEAADMLKALQGASQIIAEIRETHLW
;
_entity_poly.pdbx_strand_id   A,B
#
# COMPACT_ATOMS: atom_id res chain seq x y z
N GLY A 18 -11.68 9.39 22.15
CA GLY A 18 -11.87 10.63 21.37
C GLY A 18 -11.73 10.38 19.87
N SER A 19 -11.91 11.44 19.07
CA SER A 19 -11.82 11.42 17.58
C SER A 19 -10.56 12.18 17.09
N HIS A 20 -9.65 12.57 18.00
CA HIS A 20 -8.59 13.59 17.76
C HIS A 20 -7.55 13.10 16.73
N MET A 21 -7.32 13.91 15.70
CA MET A 21 -6.13 13.85 14.79
C MET A 21 -4.83 13.84 15.61
N GLU A 22 -4.82 14.46 16.81
CA GLU A 22 -3.66 14.60 17.72
C GLU A 22 -3.37 13.29 18.49
N ALA A 23 -4.34 12.39 18.56
CA ALA A 23 -4.15 11.05 19.17
C ALA A 23 -3.56 10.06 18.16
N LEU A 24 -3.45 10.39 16.86
CA LEU A 24 -3.06 9.38 15.84
C LEU A 24 -1.57 8.99 15.99
N ILE A 25 -0.67 9.96 16.14
CA ILE A 25 0.79 9.68 16.23
C ILE A 25 1.04 8.81 17.46
N PRO A 26 0.53 9.17 18.66
CA PRO A 26 0.72 8.34 19.85
C PRO A 26 0.21 6.91 19.69
N VAL A 27 -0.88 6.71 18.96
CA VAL A 27 -1.41 5.35 18.70
C VAL A 27 -0.34 4.56 17.90
N ILE A 28 0.20 5.09 16.81
CA ILE A 28 1.19 4.31 15.99
C ILE A 28 2.50 4.17 16.79
N ASN A 29 2.84 5.18 17.59
CA ASN A 29 3.98 5.12 18.54
C ASN A 29 3.89 3.85 19.40
N LYS A 30 2.69 3.54 19.92
CA LYS A 30 2.45 2.30 20.72
C LYS A 30 2.63 1.07 19.85
N LEU A 31 2.11 1.05 18.62
CA LEU A 31 2.20 -0.17 17.77
C LEU A 31 3.66 -0.40 17.38
N GLN A 32 4.45 0.66 17.20
CA GLN A 32 5.90 0.54 16.89
C GLN A 32 6.64 -0.12 18.08
N ASP A 33 6.21 0.13 19.31
CA ASP A 33 6.85 -0.45 20.53
C ASP A 33 6.50 -1.93 20.66
N VAL A 34 5.29 -2.29 20.25
CA VAL A 34 4.70 -3.63 20.51
C VAL A 34 5.27 -4.65 19.52
N PHE A 35 5.41 -4.31 18.25
CA PHE A 35 5.73 -5.30 17.20
C PHE A 35 7.25 -5.42 17.03
N ASN A 36 7.72 -6.66 16.96
CA ASN A 36 9.09 -7.02 16.51
C ASN A 36 9.13 -6.82 14.99
N THR A 37 10.28 -7.05 14.37
CA THR A 37 10.58 -6.62 12.99
C THR A 37 9.70 -7.42 12.02
N VAL A 38 9.46 -8.70 12.33
CA VAL A 38 8.61 -9.61 11.50
C VAL A 38 7.15 -9.14 11.62
N GLY A 39 6.68 -8.91 12.83
CA GLY A 39 5.33 -8.38 13.09
C GLY A 39 5.10 -7.08 12.33
N ALA A 40 6.09 -6.18 12.39
CA ALA A 40 6.03 -4.81 11.83
C ALA A 40 5.85 -4.92 10.30
N ASP A 41 6.62 -5.79 9.64
CA ASP A 41 6.49 -6.07 8.17
C ASP A 41 5.04 -6.44 7.84
N ILE A 42 4.42 -7.28 8.67
CA ILE A 42 3.07 -7.85 8.40
C ILE A 42 2.00 -6.76 8.56
N ILE A 43 2.13 -5.86 9.54
CA ILE A 43 1.12 -4.81 9.91
C ILE A 43 1.14 -3.62 8.93
N GLN A 44 2.30 -3.31 8.33
CA GLN A 44 2.43 -2.22 7.32
C GLN A 44 1.97 -0.91 7.95
N LEU A 45 2.63 -0.50 9.02
CA LEU A 45 2.27 0.69 9.82
C LEU A 45 2.47 1.95 8.98
N PRO A 46 1.60 2.96 9.18
CA PRO A 46 1.81 4.27 8.59
C PRO A 46 2.93 5.01 9.33
N GLN A 47 4.05 5.27 8.66
CA GLN A 47 5.23 5.91 9.29
C GLN A 47 6.13 6.49 8.20
N ILE A 48 7.06 7.34 8.63
CA ILE A 48 8.08 8.00 7.77
C ILE A 48 9.42 7.29 7.96
N VAL A 49 10.02 6.89 6.83
CA VAL A 49 11.32 6.17 6.75
C VAL A 49 12.32 7.14 6.12
N VAL A 50 13.42 7.41 6.81
CA VAL A 50 14.44 8.39 6.38
C VAL A 50 15.50 7.63 5.58
N VAL A 51 15.67 8.02 4.33
CA VAL A 51 16.57 7.34 3.35
C VAL A 51 17.56 8.36 2.81
N GLY A 52 18.85 8.09 2.92
CA GLY A 52 19.92 8.93 2.36
C GLY A 52 21.28 8.27 2.40
N THR A 53 22.26 8.95 1.81
CA THR A 53 23.70 8.62 1.99
C THR A 53 24.16 9.20 3.34
N GLN A 54 25.23 8.63 3.90
CA GLN A 54 25.93 9.15 5.10
C GLN A 54 26.32 10.61 4.87
N SER A 55 26.77 10.95 3.66
CA SER A 55 27.25 12.32 3.28
C SER A 55 26.10 13.28 2.95
N SER A 56 24.83 12.82 2.98
CA SER A 56 23.62 13.64 2.73
C SER A 56 23.33 14.63 3.88
N GLY A 57 23.94 14.46 5.05
CA GLY A 57 23.59 15.25 6.26
C GLY A 57 22.28 14.77 6.88
N LYS A 58 21.83 13.57 6.52
CA LYS A 58 20.66 12.85 7.10
C LYS A 58 20.62 12.98 8.63
N SER A 59 21.76 12.71 9.28
CA SER A 59 21.96 12.76 10.74
C SER A 59 21.67 14.17 11.28
N SER A 60 22.11 15.20 10.56
CA SER A 60 21.98 16.61 11.01
C SER A 60 20.55 17.08 10.85
N VAL A 61 19.83 16.53 9.86
CA VAL A 61 18.37 16.74 9.69
C VAL A 61 17.68 16.24 10.97
N LEU A 62 17.96 15.00 11.38
CA LEU A 62 17.32 14.41 12.59
C LEU A 62 17.61 15.30 13.80
N GLU A 63 18.87 15.65 14.03
CA GLU A 63 19.28 16.43 15.24
C GLU A 63 18.60 17.81 15.19
N SER A 64 18.43 18.38 13.99
CA SER A 64 17.80 19.71 13.78
C SER A 64 16.35 19.68 14.26
N LEU A 65 15.67 18.55 14.09
CA LEU A 65 14.25 18.32 14.51
C LEU A 65 14.18 18.06 16.03
N VAL A 66 15.23 17.46 16.59
CA VAL A 66 15.38 17.19 18.06
C VAL A 66 15.75 18.50 18.77
N GLY A 67 16.45 19.38 18.09
CA GLY A 67 16.82 20.71 18.62
C GLY A 67 18.11 20.68 19.40
N ARG A 68 18.81 19.53 19.43
CA ARG A 68 20.17 19.41 20.00
C ARG A 68 20.82 18.10 19.53
N ASP A 69 22.11 17.92 19.82
CA ASP A 69 22.88 16.77 19.29
C ASP A 69 22.60 15.56 20.18
N LEU A 70 22.71 14.38 19.59
CA LEU A 70 22.06 13.14 20.07
C LEU A 70 22.72 11.90 19.46
N LEU A 71 23.11 11.95 18.18
CA LEU A 71 23.55 10.74 17.44
C LEU A 71 25.04 10.52 17.65
N PRO A 72 25.48 9.25 17.78
CA PRO A 72 26.92 8.95 17.89
C PRO A 72 27.67 9.57 16.70
N ARG A 73 28.66 10.39 17.00
CA ARG A 73 29.75 10.75 16.06
C ARG A 73 30.68 9.55 16.11
N GLY A 74 30.46 8.60 15.18
CA GLY A 74 31.20 7.33 15.05
C GLY A 74 31.71 7.18 13.63
N THR A 75 33.01 6.92 13.47
CA THR A 75 33.68 6.78 12.16
C THR A 75 32.94 5.70 11.36
N GLY A 76 32.86 4.50 11.92
CA GLY A 76 32.12 3.35 11.37
C GLY A 76 31.32 2.67 12.46
N ILE A 77 30.15 2.13 12.11
CA ILE A 77 29.22 1.43 13.05
C ILE A 77 29.43 -0.08 12.91
N VAL A 78 29.72 -0.76 14.01
CA VAL A 78 29.87 -2.24 14.08
C VAL A 78 28.64 -2.90 13.45
N THR A 79 27.45 -2.62 13.97
CA THR A 79 26.16 -3.15 13.45
C THR A 79 25.17 -1.99 13.26
N ARG A 80 24.94 -1.63 11.98
CA ARG A 80 24.05 -0.54 11.56
C ARG A 80 22.60 -1.03 11.72
N ARG A 81 21.76 -0.23 12.39
CA ARG A 81 20.37 -0.61 12.78
C ARG A 81 19.44 0.57 12.54
N PRO A 82 18.13 0.35 12.29
CA PRO A 82 17.16 1.43 12.29
C PRO A 82 17.05 2.12 13.65
N LEU A 83 16.84 3.43 13.65
CA LEU A 83 16.46 4.23 14.85
C LEU A 83 15.01 4.70 14.68
N ILE A 84 14.09 4.17 15.48
CA ILE A 84 12.69 4.70 15.55
C ILE A 84 12.76 5.82 16.57
N LEU A 85 12.73 7.05 16.07
CA LEU A 85 12.84 8.28 16.90
C LEU A 85 11.45 8.89 17.08
N GLN A 86 10.86 8.76 18.27
CA GLN A 86 9.53 9.31 18.63
C GLN A 86 9.72 10.64 19.38
N LEU A 87 9.35 11.75 18.75
CA LEU A 87 9.40 13.11 19.35
C LEU A 87 8.03 13.45 19.92
N VAL A 88 7.99 13.90 21.17
CA VAL A 88 6.74 14.22 21.92
C VAL A 88 6.87 15.64 22.48
N HIS A 89 5.99 16.53 22.02
CA HIS A 89 5.86 17.92 22.53
C HIS A 89 5.34 17.87 23.97
N VAL A 90 5.96 18.61 24.89
CA VAL A 90 5.48 18.79 26.30
C VAL A 90 5.41 20.28 26.64
N SER A 91 4.64 20.65 27.67
CA SER A 91 4.65 21.99 28.30
C SER A 91 5.87 22.16 29.21
N GLN A 92 6.27 23.41 29.47
CA GLN A 92 7.44 23.78 30.32
C GLN A 92 7.20 23.41 31.79
N GLU A 93 5.99 22.93 32.13
CA GLU A 93 5.58 22.65 33.53
C GLU A 93 5.53 21.14 33.80
N ASP A 94 5.89 20.30 32.81
CA ASP A 94 6.15 18.85 33.01
C ASP A 94 7.66 18.63 33.07
N LYS A 95 8.24 18.78 34.26
CA LYS A 95 9.71 18.73 34.52
C LYS A 95 10.03 17.50 35.37
N ARG A 96 11.11 16.76 35.02
CA ARG A 96 11.52 15.49 35.66
C ARG A 96 12.88 15.64 36.34
N GLU A 106 15.10 19.97 38.11
CA GLU A 106 14.24 19.18 37.19
C GLU A 106 14.65 19.51 35.74
N ALA A 107 14.19 18.70 34.77
CA ALA A 107 14.54 18.80 33.33
C ALA A 107 13.28 18.98 32.47
N GLU A 108 13.34 19.93 31.53
CA GLU A 108 12.26 20.20 30.53
C GLU A 108 12.39 19.22 29.35
N GLU A 109 13.52 18.52 29.20
CA GLU A 109 13.75 17.56 28.08
C GLU A 109 14.32 16.26 28.64
N TRP A 110 13.83 15.11 28.16
CA TRP A 110 14.33 13.79 28.62
C TRP A 110 13.99 12.71 27.59
N GLY A 111 14.58 11.53 27.77
CA GLY A 111 14.48 10.39 26.85
C GLY A 111 14.18 9.09 27.59
N LYS A 112 13.60 8.15 26.85
CA LYS A 112 13.32 6.75 27.24
C LYS A 112 13.61 5.87 26.01
N PHE A 113 14.12 4.68 26.25
CA PHE A 113 14.32 3.61 25.24
C PHE A 113 13.39 2.47 25.62
N LEU A 114 12.84 1.75 24.65
CA LEU A 114 12.01 0.55 24.90
C LEU A 114 12.82 -0.46 25.72
N HIS A 115 14.10 -0.63 25.40
CA HIS A 115 14.98 -1.71 25.95
C HIS A 115 15.43 -1.37 27.39
N THR A 116 15.43 -0.11 27.84
CA THR A 116 15.71 0.26 29.25
C THR A 116 14.40 0.64 29.96
N LYS A 117 13.29 0.04 29.53
CA LYS A 117 11.93 0.26 30.08
C LYS A 117 11.78 1.73 30.51
N ASN A 118 11.64 2.01 31.80
CA ASN A 118 11.13 3.31 32.30
C ASN A 118 12.28 4.15 32.85
N LYS A 119 13.53 3.71 32.71
CA LYS A 119 14.70 4.57 33.02
C LYS A 119 14.55 5.88 32.25
N LEU A 120 14.51 7.02 32.96
CA LEU A 120 14.47 8.36 32.35
C LEU A 120 15.90 8.87 32.19
N TYR A 121 16.21 9.45 31.04
CA TYR A 121 17.54 10.00 30.67
C TYR A 121 17.44 11.52 30.55
N THR A 122 18.08 12.27 31.45
CA THR A 122 18.08 13.75 31.43
C THR A 122 19.36 14.23 30.72
N ASP A 123 20.43 13.44 30.72
CA ASP A 123 21.73 13.82 30.08
C ASP A 123 21.74 13.28 28.64
N PHE A 124 21.88 14.16 27.66
CA PHE A 124 21.76 13.85 26.21
C PHE A 124 23.04 13.16 25.73
N ASP A 125 24.16 13.37 26.41
CA ASP A 125 25.43 12.61 26.19
C ASP A 125 25.19 11.15 26.57
N GLU A 126 24.53 10.90 27.70
CA GLU A 126 24.16 9.54 28.16
C GLU A 126 23.22 8.91 27.11
N ILE A 127 22.28 9.67 26.53
CA ILE A 127 21.37 9.16 25.48
C ILE A 127 22.20 8.74 24.25
N ARG A 128 23.09 9.62 23.78
CA ARG A 128 23.96 9.30 22.63
C ARG A 128 24.73 8.00 22.90
N GLN A 129 25.33 7.86 24.09
CA GLN A 129 26.15 6.67 24.48
C GLN A 129 25.30 5.42 24.38
N GLU A 130 24.06 5.48 24.88
CA GLU A 130 23.13 4.33 24.85
C GLU A 130 22.81 3.95 23.41
N ILE A 131 22.69 4.91 22.50
CA ILE A 131 22.48 4.61 21.04
C ILE A 131 23.72 3.87 20.53
N GLU A 132 24.92 4.37 20.84
CA GLU A 132 26.18 3.73 20.41
C GLU A 132 26.25 2.31 20.97
N ASN A 133 25.96 2.15 22.27
CA ASN A 133 25.95 0.84 22.96
C ASN A 133 25.13 -0.16 22.15
N GLU A 134 23.95 0.27 21.69
CA GLU A 134 22.98 -0.65 21.06
C GLU A 134 23.47 -1.01 19.65
N THR A 135 24.20 -0.12 18.98
CA THR A 135 24.82 -0.38 17.65
C THR A 135 26.10 -1.23 17.80
N GLU A 136 26.55 -1.51 19.02
CA GLU A 136 27.78 -2.31 19.30
C GLU A 136 27.41 -3.79 19.58
N ARG A 137 26.13 -4.11 19.77
CA ARG A 137 25.61 -5.52 19.74
C ARG A 137 25.99 -6.22 18.43
N ILE A 138 26.60 -7.40 18.47
CA ILE A 138 26.90 -8.20 17.24
C ILE A 138 25.56 -8.78 16.78
N SER A 139 25.29 -8.81 15.48
CA SER A 139 24.00 -9.30 14.91
C SER A 139 23.84 -10.81 15.21
N GLY A 140 22.60 -11.30 15.23
CA GLY A 140 22.25 -12.73 15.29
C GLY A 140 22.92 -13.54 14.19
N ASN A 141 23.15 -12.92 13.02
CA ASN A 141 23.91 -13.49 11.87
C ASN A 141 25.39 -13.08 11.98
N ASN A 142 26.11 -12.92 10.87
CA ASN A 142 27.48 -12.36 10.85
C ASN A 142 27.56 -11.21 9.82
N LYS A 143 26.85 -10.11 10.11
CA LYS A 143 26.66 -8.97 9.19
C LYS A 143 26.78 -7.65 9.96
N GLY A 144 27.16 -6.58 9.26
CA GLY A 144 27.26 -5.23 9.83
C GLY A 144 25.92 -4.49 9.84
N VAL A 145 24.83 -5.15 9.42
CA VAL A 145 23.45 -4.59 9.36
C VAL A 145 22.49 -5.52 10.12
N SER A 146 21.53 -4.94 10.83
CA SER A 146 20.41 -5.66 11.52
C SER A 146 19.12 -4.89 11.35
N PRO A 147 17.99 -5.57 11.06
CA PRO A 147 16.69 -4.91 11.01
C PRO A 147 16.08 -4.57 12.39
N GLU A 148 16.70 -5.00 13.48
CA GLU A 148 16.20 -4.77 14.88
C GLU A 148 16.37 -3.30 15.23
N PRO A 149 15.29 -2.49 15.29
CA PRO A 149 15.43 -1.06 15.53
C PRO A 149 15.79 -0.72 16.98
N ILE A 150 16.44 0.42 17.16
CA ILE A 150 16.57 1.11 18.47
C ILE A 150 15.33 2.00 18.59
N HIS A 151 14.58 1.84 19.69
CA HIS A 151 13.32 2.55 20.00
C HIS A 151 13.62 3.65 21.03
N LEU A 152 13.65 4.90 20.59
CA LEU A 152 13.98 6.08 21.44
C LEU A 152 12.85 7.11 21.33
N LYS A 153 12.37 7.57 22.49
CA LYS A 153 11.35 8.62 22.64
C LYS A 153 11.99 9.84 23.32
N ILE A 154 11.78 11.03 22.75
CA ILE A 154 12.29 12.30 23.30
C ILE A 154 11.09 13.16 23.67
N PHE A 155 11.04 13.61 24.92
CA PHE A 155 10.06 14.59 25.45
C PHE A 155 10.75 15.95 25.53
N SER A 156 10.13 17.01 24.99
CA SER A 156 10.74 18.35 24.89
C SER A 156 9.72 19.40 24.49
N PRO A 157 9.74 20.61 25.09
CA PRO A 157 8.90 21.71 24.64
C PRO A 157 9.32 22.21 23.26
N ASN A 158 10.52 21.85 22.78
CA ASN A 158 11.13 22.46 21.57
C ASN A 158 10.87 21.58 20.35
N VAL A 159 10.35 20.36 20.50
CA VAL A 159 10.07 19.46 19.35
C VAL A 159 8.58 19.54 19.00
N VAL A 160 8.23 19.30 17.74
CA VAL A 160 6.83 19.03 17.30
C VAL A 160 6.54 17.55 17.54
N ASN A 161 5.26 17.17 17.54
CA ASN A 161 4.86 15.74 17.62
C ASN A 161 5.20 15.09 16.29
N LEU A 162 6.10 14.12 16.30
CA LEU A 162 6.67 13.53 15.06
C LEU A 162 7.43 12.26 15.39
N THR A 163 7.30 11.24 14.56
CA THR A 163 8.11 10.01 14.59
C THR A 163 8.76 9.81 13.23
N LEU A 164 10.05 9.45 13.22
CA LEU A 164 10.85 9.08 12.02
C LEU A 164 11.53 7.74 12.29
N VAL A 165 11.52 6.86 11.28
CA VAL A 165 12.34 5.62 11.27
C VAL A 165 13.58 5.88 10.40
N ASP A 166 14.67 6.26 11.06
CA ASP A 166 15.96 6.55 10.38
C ASP A 166 16.62 5.22 10.00
N LEU A 167 16.99 5.04 8.72
CA LEU A 167 17.68 3.81 8.25
C LEU A 167 19.15 4.12 8.01
N PRO A 168 20.07 3.14 8.21
CA PRO A 168 21.49 3.32 7.93
C PRO A 168 21.80 3.94 6.55
N GLY A 169 22.66 4.94 6.55
CA GLY A 169 23.03 5.72 5.36
C GLY A 169 23.71 4.87 4.29
N MET A 170 23.38 5.12 3.03
CA MET A 170 24.08 4.54 1.85
C MET A 170 25.38 5.32 1.60
N THR A 171 26.25 4.74 0.78
CA THR A 171 27.47 5.39 0.24
C THR A 171 27.41 5.24 -1.27
N LYS A 172 27.48 6.35 -1.99
CA LYS A 172 27.42 6.39 -3.48
C LYS A 172 28.66 5.65 -3.99
N VAL A 173 28.46 4.67 -4.89
CA VAL A 173 29.53 3.76 -5.41
C VAL A 173 29.99 4.29 -6.76
N PRO A 174 31.16 4.98 -6.85
CA PRO A 174 31.62 5.60 -8.10
C PRO A 174 31.50 4.63 -9.30
N VAL A 175 30.89 5.09 -10.41
CA VAL A 175 30.64 4.29 -11.65
C VAL A 175 31.90 3.46 -11.96
N GLY A 176 31.81 2.13 -11.86
CA GLY A 176 32.92 1.21 -12.16
C GLY A 176 33.47 0.52 -10.93
N ASP A 177 33.31 1.10 -9.74
CA ASP A 177 33.75 0.51 -8.45
C ASP A 177 32.79 -0.64 -8.09
N GLN A 178 33.27 -1.66 -7.38
CA GLN A 178 32.47 -2.84 -6.97
C GLN A 178 31.76 -2.55 -5.65
N PRO A 179 30.41 -2.47 -5.60
CA PRO A 179 29.71 -2.15 -4.35
C PRO A 179 30.01 -3.21 -3.27
N LYS A 180 30.43 -2.78 -2.08
CA LYS A 180 30.84 -3.67 -0.97
C LYS A 180 29.64 -4.48 -0.46
N ASP A 181 29.90 -5.60 0.20
CA ASP A 181 28.88 -6.48 0.81
C ASP A 181 27.98 -5.67 1.76
N ILE A 182 28.60 -4.96 2.70
CA ILE A 182 27.90 -4.14 3.74
C ILE A 182 26.96 -3.15 3.02
N GLU A 183 27.43 -2.52 1.94
CA GLU A 183 26.62 -1.54 1.16
C GLU A 183 25.42 -2.26 0.56
N LEU A 184 25.56 -3.45 -0.03
CA LEU A 184 24.40 -4.22 -0.55
C LEU A 184 23.41 -4.52 0.60
N GLN A 185 23.93 -4.84 1.78
CA GLN A 185 23.08 -5.19 2.96
C GLN A 185 22.30 -3.96 3.44
N ILE A 186 22.92 -2.79 3.43
CA ILE A 186 22.25 -1.52 3.84
C ILE A 186 21.09 -1.24 2.86
N ARG A 187 21.28 -1.53 1.57
CA ARG A 187 20.28 -1.31 0.49
C ARG A 187 19.14 -2.33 0.64
N GLU A 188 19.44 -3.59 0.99
CA GLU A 188 18.39 -4.63 1.23
C GLU A 188 17.53 -4.20 2.42
N LEU A 189 18.15 -3.72 3.51
CA LEU A 189 17.44 -3.23 4.70
C LEU A 189 16.55 -2.03 4.32
N ILE A 190 17.08 -1.08 3.56
CA ILE A 190 16.25 0.08 3.12
C ILE A 190 15.04 -0.47 2.35
N LEU A 191 15.27 -1.40 1.40
CA LEU A 191 14.20 -1.94 0.53
C LEU A 191 13.16 -2.67 1.40
N ARG A 192 13.61 -3.33 2.46
CA ARG A 192 12.73 -4.04 3.41
C ARG A 192 11.74 -3.03 4.00
N PHE A 193 12.21 -1.86 4.44
CA PHE A 193 11.39 -0.86 5.15
C PHE A 193 10.48 -0.09 4.16
N ILE A 194 11.01 0.38 3.03
CA ILE A 194 10.25 1.28 2.11
C ILE A 194 9.29 0.48 1.22
N SER A 195 9.38 -0.86 1.24
CA SER A 195 8.42 -1.75 0.53
C SER A 195 7.10 -1.87 1.33
N ASN A 196 7.13 -1.45 2.60
CA ASN A 196 5.90 -1.14 3.38
C ASN A 196 5.11 -0.13 2.56
N PRO A 197 3.94 -0.51 1.97
CA PRO A 197 3.18 0.41 1.12
C PRO A 197 2.67 1.66 1.85
N ASN A 198 2.62 1.62 3.19
CA ASN A 198 2.13 2.73 4.03
C ASN A 198 3.32 3.51 4.59
N SER A 199 4.51 3.28 4.06
CA SER A 199 5.71 4.08 4.42
C SER A 199 5.73 5.32 3.52
N ILE A 200 5.94 6.49 4.13
CA ILE A 200 6.34 7.73 3.43
C ILE A 200 7.86 7.81 3.47
N ILE A 201 8.50 8.02 2.32
CA ILE A 201 9.98 8.03 2.18
C ILE A 201 10.43 9.48 2.29
N LEU A 202 11.19 9.80 3.33
CA LEU A 202 11.91 11.09 3.46
C LEU A 202 13.28 10.87 2.80
N ALA A 203 13.36 11.16 1.50
CA ALA A 203 14.59 11.06 0.68
C ALA A 203 15.43 12.32 0.92
N VAL A 204 16.63 12.16 1.50
CA VAL A 204 17.59 13.26 1.81
C VAL A 204 18.74 13.24 0.78
N THR A 205 19.01 14.40 0.19
CA THR A 205 20.07 14.61 -0.85
C THR A 205 20.77 15.95 -0.58
N ALA A 206 22.09 15.98 -0.59
CA ALA A 206 22.91 17.23 -0.50
C ALA A 206 22.76 18.06 -1.78
N ALA A 207 22.59 19.38 -1.65
CA ALA A 207 22.44 20.32 -2.80
C ALA A 207 23.75 20.40 -3.59
N ASN A 208 24.90 20.05 -2.98
CA ASN A 208 26.24 20.03 -3.62
C ASN A 208 26.48 18.69 -4.32
N THR A 209 25.44 18.01 -4.80
CA THR A 209 25.59 16.73 -5.54
C THR A 209 24.60 16.70 -6.71
N ASP A 210 24.96 15.93 -7.73
CA ASP A 210 24.08 15.62 -8.88
C ASP A 210 22.80 14.95 -8.34
N MET A 211 21.74 15.75 -8.19
CA MET A 211 20.48 15.33 -7.51
C MET A 211 19.63 14.51 -8.48
N ALA A 212 19.93 14.59 -9.78
CA ALA A 212 19.32 13.72 -10.82
C ALA A 212 19.74 12.27 -10.56
N THR A 213 20.96 12.07 -10.04
CA THR A 213 21.54 10.73 -9.75
C THR A 213 21.59 10.46 -8.24
N SER A 214 20.74 11.12 -7.44
CA SER A 214 20.61 10.88 -5.96
C SER A 214 20.41 9.38 -5.69
N GLU A 215 21.20 8.79 -4.79
CA GLU A 215 21.03 7.38 -4.37
C GLU A 215 19.67 7.23 -3.64
N ALA A 216 19.29 8.23 -2.84
CA ALA A 216 18.02 8.27 -2.08
C ALA A 216 16.86 8.17 -3.08
N LEU A 217 16.87 9.02 -4.11
CA LEU A 217 15.79 9.05 -5.12
C LEU A 217 15.82 7.78 -5.98
N LYS A 218 16.99 7.26 -6.35
CA LYS A 218 17.08 6.01 -7.14
C LYS A 218 16.45 4.85 -6.36
N ILE A 219 16.85 4.64 -5.10
CA ILE A 219 16.38 3.44 -4.35
C ILE A 219 14.88 3.60 -4.06
N SER A 220 14.38 4.82 -3.91
CA SER A 220 12.95 5.10 -3.62
C SER A 220 12.11 4.64 -4.80
N ARG A 221 12.63 4.80 -6.04
CA ARG A 221 11.91 4.49 -7.30
C ARG A 221 11.77 2.98 -7.47
N GLU A 222 12.56 2.18 -6.74
CA GLU A 222 12.42 0.70 -6.75
C GLU A 222 11.10 0.27 -6.10
N VAL A 223 10.45 1.13 -5.30
CA VAL A 223 9.11 0.84 -4.71
C VAL A 223 8.08 1.90 -5.13
N ASP A 224 8.49 3.16 -5.35
CA ASP A 224 7.63 4.36 -5.58
C ASP A 224 8.13 5.09 -6.83
N PRO A 225 7.88 4.53 -8.04
CA PRO A 225 8.49 5.06 -9.28
C PRO A 225 8.08 6.50 -9.64
N ASP A 226 6.86 6.91 -9.30
CA ASP A 226 6.36 8.28 -9.61
C ASP A 226 6.46 9.18 -8.37
N GLY A 227 7.13 8.71 -7.31
CA GLY A 227 7.33 9.49 -6.05
C GLY A 227 6.01 9.92 -5.39
N ARG A 228 4.98 9.09 -5.49
CA ARG A 228 3.63 9.28 -4.90
C ARG A 228 3.73 9.39 -3.36
N ARG A 229 4.67 8.66 -2.74
CA ARG A 229 4.77 8.58 -1.27
C ARG A 229 6.20 8.94 -0.85
N THR A 230 6.82 9.86 -1.60
CA THR A 230 8.21 10.34 -1.39
C THR A 230 8.20 11.87 -1.25
N LEU A 231 8.76 12.37 -0.16
CA LEU A 231 9.06 13.81 0.09
C LEU A 231 10.59 13.99 0.09
N ALA A 232 11.10 14.99 -0.65
CA ALA A 232 12.55 15.26 -0.82
C ALA A 232 13.01 16.34 0.17
N VAL A 233 14.04 16.04 0.95
CA VAL A 233 14.79 17.10 1.70
C VAL A 233 16.13 17.34 0.97
N ILE A 234 16.42 18.60 0.64
CA ILE A 234 17.73 19.05 0.08
C ILE A 234 18.53 19.73 1.21
N THR A 235 19.66 19.14 1.60
CA THR A 235 20.58 19.68 2.63
C THR A 235 21.65 20.52 1.95
N LYS A 236 22.39 21.30 2.75
CA LYS A 236 23.65 21.97 2.34
C LYS A 236 23.38 22.94 1.19
N LEU A 237 22.31 23.74 1.28
CA LEU A 237 21.99 24.81 0.30
C LEU A 237 23.16 25.81 0.20
N ASP A 238 23.86 26.05 1.32
CA ASP A 238 25.00 27.01 1.44
C ASP A 238 26.25 26.49 0.72
N LEU A 239 26.38 25.17 0.50
CA LEU A 239 27.63 24.54 0.03
C LEU A 239 27.51 24.18 -1.46
N MET A 240 26.63 24.86 -2.21
CA MET A 240 26.46 24.61 -3.67
C MET A 240 27.67 25.16 -4.44
N ASP A 241 28.14 24.44 -5.46
CA ASP A 241 29.16 24.94 -6.43
C ASP A 241 28.73 26.33 -6.92
N ALA A 242 29.68 27.27 -6.97
CA ALA A 242 29.44 28.67 -7.39
C ALA A 242 28.99 28.69 -8.86
N GLY A 243 27.98 29.51 -9.18
CA GLY A 243 27.34 29.56 -10.51
C GLY A 243 26.23 28.53 -10.68
N THR A 244 25.82 27.88 -9.59
CA THR A 244 24.59 27.03 -9.51
C THR A 244 23.83 27.43 -8.24
N ASP A 245 22.51 27.23 -8.24
CA ASP A 245 21.60 27.53 -7.09
C ASP A 245 20.57 26.41 -6.99
N ALA A 246 19.68 26.46 -5.99
CA ALA A 246 18.65 25.43 -5.74
C ALA A 246 17.29 25.87 -6.29
N MET A 247 17.23 27.02 -6.99
CA MET A 247 15.94 27.66 -7.35
C MET A 247 15.02 26.64 -8.02
N ASP A 248 15.50 25.94 -9.05
CA ASP A 248 14.68 25.05 -9.90
C ASP A 248 14.09 23.94 -9.03
N VAL A 249 14.94 23.29 -8.24
CA VAL A 249 14.53 22.19 -7.34
C VAL A 249 13.49 22.73 -6.36
N LEU A 250 13.72 23.87 -5.71
CA LEU A 250 12.84 24.37 -4.60
C LEU A 250 11.56 25.00 -5.17
N MET A 251 11.53 25.35 -6.45
CA MET A 251 10.30 25.75 -7.17
C MET A 251 9.55 24.51 -7.68
N GLY A 252 10.10 23.31 -7.45
CA GLY A 252 9.46 22.00 -7.73
C GLY A 252 9.40 21.68 -9.21
N ARG A 253 10.48 21.92 -9.97
CA ARG A 253 10.51 21.82 -11.45
C ARG A 253 11.52 20.76 -11.92
N VAL A 254 12.25 20.10 -11.00
CA VAL A 254 13.37 19.19 -11.35
C VAL A 254 13.10 17.78 -10.80
N ILE A 255 12.89 17.64 -9.48
CA ILE A 255 12.82 16.34 -8.76
C ILE A 255 11.43 15.74 -8.92
N PRO A 256 11.30 14.52 -9.47
CA PRO A 256 10.01 13.88 -9.61
C PRO A 256 9.64 13.16 -8.30
N VAL A 257 9.16 13.94 -7.32
CA VAL A 257 8.37 13.43 -6.16
C VAL A 257 7.15 14.33 -5.95
N LYS A 258 6.10 13.79 -5.34
CA LYS A 258 4.75 14.41 -5.26
C LYS A 258 4.44 14.98 -3.88
N LEU A 259 5.18 14.64 -2.81
CA LEU A 259 4.78 15.04 -1.43
C LEU A 259 5.51 16.32 -1.00
N GLY A 260 6.35 16.90 -1.86
CA GLY A 260 7.01 18.20 -1.60
C GLY A 260 8.52 18.12 -1.62
N ILE A 261 9.16 19.29 -1.73
CA ILE A 261 10.64 19.52 -1.70
C ILE A 261 10.89 20.58 -0.63
N ILE A 262 11.74 20.28 0.36
CA ILE A 262 12.10 21.26 1.42
C ILE A 262 13.63 21.31 1.52
N GLY A 263 14.18 22.52 1.40
CA GLY A 263 15.61 22.76 1.54
C GLY A 263 15.94 23.15 2.96
N VAL A 264 17.07 22.68 3.46
CA VAL A 264 17.53 23.04 4.83
C VAL A 264 19.04 23.30 4.78
N VAL A 265 19.54 24.02 5.78
CA VAL A 265 20.99 24.22 6.05
C VAL A 265 21.25 23.74 7.48
N ASN A 266 21.94 22.61 7.62
CA ASN A 266 22.25 22.05 8.94
C ASN A 266 23.67 22.48 9.34
N ARG A 267 24.15 21.97 10.46
CA ARG A 267 25.58 22.03 10.87
C ARG A 267 26.43 21.23 9.88
N SER A 268 27.46 21.87 9.33
CA SER A 268 28.58 21.23 8.58
C SER A 268 29.43 20.38 9.52
N GLN A 269 30.15 19.40 8.98
CA GLN A 269 31.09 18.51 9.73
C GLN A 269 32.06 19.38 10.55
N LEU A 270 32.37 20.60 10.08
CA LEU A 270 33.19 21.60 10.81
C LEU A 270 32.43 22.07 12.06
N ASP A 271 31.22 22.64 11.88
CA ASP A 271 30.35 23.12 12.96
C ASP A 271 30.28 22.07 14.08
N ILE A 272 30.04 20.80 13.73
CA ILE A 272 29.93 19.67 14.69
C ILE A 272 31.26 19.57 15.45
N ASN A 273 32.37 19.42 14.72
CA ASN A 273 33.75 19.30 15.28
C ASN A 273 34.02 20.48 16.23
N ASN A 274 33.42 21.64 15.97
CA ASN A 274 33.60 22.90 16.75
C ASN A 274 32.53 23.03 17.85
N LYS A 275 31.71 21.99 18.06
CA LYS A 275 30.62 21.94 19.08
C LYS A 275 29.64 23.12 18.91
N LYS A 276 29.37 23.53 17.67
CA LYS A 276 28.30 24.52 17.36
C LYS A 276 26.96 23.91 17.73
N SER A 277 26.11 24.62 18.48
CA SER A 277 24.79 24.12 18.92
C SER A 277 23.86 24.01 17.71
N VAL A 278 22.92 23.07 17.76
CA VAL A 278 21.83 22.88 16.75
C VAL A 278 20.95 24.13 16.73
N THR A 279 20.59 24.63 17.92
CA THR A 279 19.72 25.81 18.12
C THR A 279 20.32 27.00 17.35
N ASP A 280 21.65 27.16 17.38
CA ASP A 280 22.36 28.30 16.73
C ASP A 280 22.46 28.05 15.22
N SER A 281 22.62 26.79 14.79
CA SER A 281 22.62 26.37 13.37
C SER A 281 21.29 26.75 12.72
N ILE A 282 20.19 26.71 13.49
CA ILE A 282 18.81 27.00 13.01
C ILE A 282 18.64 28.52 12.82
N ARG A 283 19.13 29.33 13.76
CA ARG A 283 19.14 30.81 13.67
C ARG A 283 19.91 31.22 12.41
N ASP A 284 21.09 30.63 12.19
CA ASP A 284 22.00 30.92 11.04
C ASP A 284 21.35 30.41 9.74
N GLU A 285 20.53 29.36 9.81
CA GLU A 285 19.81 28.80 8.64
C GLU A 285 18.74 29.80 8.16
N TYR A 286 17.98 30.37 9.09
CA TYR A 286 16.87 31.31 8.80
C TYR A 286 17.46 32.60 8.23
N ALA A 287 18.56 33.08 8.81
CA ALA A 287 19.29 34.28 8.33
C ALA A 287 19.66 34.06 6.85
N PHE A 288 20.33 32.95 6.54
CA PHE A 288 20.78 32.56 5.18
C PHE A 288 19.59 32.55 4.21
N LEU A 289 18.53 31.79 4.51
CA LEU A 289 17.34 31.66 3.62
C LEU A 289 16.74 33.05 3.34
N GLN A 290 16.59 33.89 4.39
CA GLN A 290 16.05 35.29 4.29
C GLN A 290 16.93 36.11 3.34
N LYS A 291 18.25 35.88 3.38
CA LYS A 291 19.29 36.61 2.60
C LYS A 291 19.25 36.16 1.14
N LYS A 292 19.35 34.85 0.89
CA LYS A 292 19.64 34.30 -0.47
C LYS A 292 18.36 33.83 -1.17
N TYR A 293 17.32 33.45 -0.42
CA TYR A 293 16.11 32.79 -0.96
C TYR A 293 14.87 33.43 -0.36
N PRO A 294 14.76 34.78 -0.30
CA PRO A 294 13.66 35.44 0.40
C PRO A 294 12.28 35.04 -0.15
N SER A 295 12.18 34.82 -1.47
CA SER A 295 10.98 34.32 -2.19
C SER A 295 10.51 32.96 -1.64
N LEU A 296 11.42 32.15 -1.09
CA LEU A 296 11.17 30.73 -0.71
C LEU A 296 11.31 30.48 0.79
N ALA A 297 11.84 31.43 1.57
CA ALA A 297 12.25 31.24 2.99
C ALA A 297 11.09 30.68 3.85
N ASN A 298 9.86 31.10 3.59
CA ASN A 298 8.69 30.75 4.44
C ASN A 298 8.25 29.30 4.18
N ARG A 299 8.72 28.67 3.10
CA ARG A 299 8.38 27.28 2.71
C ARG A 299 9.63 26.40 2.74
N ASN A 300 10.65 26.78 3.52
CA ASN A 300 11.91 26.01 3.66
C ASN A 300 12.50 26.23 5.06
N GLY A 301 13.52 25.44 5.39
CA GLY A 301 14.22 25.53 6.70
C GLY A 301 13.61 24.59 7.72
N THR A 302 14.21 24.55 8.91
CA THR A 302 14.04 23.46 9.91
C THR A 302 12.62 23.52 10.49
N LYS A 303 12.18 24.69 10.94
CA LYS A 303 10.87 24.88 11.61
C LYS A 303 9.74 24.47 10.65
N TYR A 304 9.83 24.85 9.37
CA TYR A 304 8.81 24.52 8.35
C TYR A 304 8.85 23.02 8.06
N LEU A 305 10.04 22.42 7.98
CA LEU A 305 10.16 20.95 7.76
C LEU A 305 9.44 20.24 8.90
N ALA A 306 9.73 20.66 10.14
CA ALA A 306 9.20 20.04 11.37
C ALA A 306 7.66 20.08 11.33
N ARG A 307 7.09 21.26 11.10
CA ARG A 307 5.62 21.47 11.07
C ARG A 307 5.05 20.61 9.93
N THR A 308 5.69 20.65 8.76
CA THR A 308 5.23 19.94 7.55
C THR A 308 5.15 18.44 7.83
N LEU A 309 6.19 17.88 8.45
CA LEU A 309 6.27 16.42 8.67
C LEU A 309 5.20 16.02 9.70
N ASN A 310 5.03 16.82 10.75
CA ASN A 310 3.98 16.62 11.78
C ASN A 310 2.60 16.55 11.10
N ARG A 311 2.29 17.52 10.24
CA ARG A 311 0.98 17.62 9.54
C ARG A 311 0.85 16.41 8.61
N LEU A 312 1.89 16.12 7.84
CA LEU A 312 1.89 15.03 6.83
C LEU A 312 1.67 13.67 7.52
N LEU A 313 2.29 13.43 8.65
CA LEU A 313 2.21 12.12 9.36
C LEU A 313 0.79 11.93 9.93
N MET A 314 0.27 12.94 10.62
CA MET A 314 -1.15 13.00 11.10
C MET A 314 -2.12 12.67 9.95
N HIS A 315 -2.00 13.34 8.80
CA HIS A 315 -2.87 13.14 7.61
C HIS A 315 -2.70 11.70 7.11
N HIS A 316 -1.45 11.21 7.03
CA HIS A 316 -1.14 9.86 6.49
C HIS A 316 -1.77 8.81 7.39
N ILE A 317 -1.64 8.97 8.71
CA ILE A 317 -2.19 7.97 9.69
C ILE A 317 -3.71 7.98 9.62
N ARG A 318 -4.34 9.17 9.65
CA ARG A 318 -5.80 9.31 9.46
C ARG A 318 -6.20 8.53 8.20
N ASP A 319 -5.54 8.78 7.07
CA ASP A 319 -5.87 8.19 5.75
C ASP A 319 -5.75 6.67 5.77
N CYS A 320 -4.80 6.11 6.54
CA CYS A 320 -4.46 4.67 6.56
C CYS A 320 -5.23 3.91 7.66
N LEU A 321 -5.80 4.63 8.62
CA LEU A 321 -6.30 4.01 9.87
C LEU A 321 -7.35 2.95 9.56
N PRO A 322 -8.40 3.20 8.73
CA PRO A 322 -9.40 2.17 8.46
C PRO A 322 -8.79 0.92 7.82
N GLU A 323 -7.87 1.07 6.87
CA GLU A 323 -7.14 -0.08 6.25
C GLU A 323 -6.36 -0.84 7.34
N LEU A 324 -5.72 -0.10 8.26
CA LEU A 324 -4.91 -0.68 9.38
C LEU A 324 -5.81 -1.48 10.33
N LYS A 325 -6.94 -0.90 10.75
CA LYS A 325 -7.92 -1.51 11.69
C LYS A 325 -8.44 -2.82 11.07
N THR A 326 -8.84 -2.77 9.80
CA THR A 326 -9.33 -3.95 9.06
C THR A 326 -8.27 -5.06 9.09
N ARG A 327 -7.08 -4.76 8.58
CA ARG A 327 -5.97 -5.75 8.46
C ARG A 327 -5.59 -6.30 9.84
N ILE A 328 -5.60 -5.48 10.88
CA ILE A 328 -5.31 -5.97 12.26
C ILE A 328 -6.37 -7.00 12.67
N ASN A 329 -7.66 -6.72 12.42
CA ASN A 329 -8.77 -7.66 12.77
C ASN A 329 -8.69 -8.93 11.92
N VAL A 330 -8.34 -8.82 10.65
CA VAL A 330 -8.24 -10.01 9.77
C VAL A 330 -7.05 -10.87 10.25
N LEU A 331 -5.92 -10.25 10.59
CA LEU A 331 -4.69 -10.97 11.04
C LEU A 331 -4.96 -11.67 12.40
N ALA A 332 -5.65 -11.00 13.32
CA ALA A 332 -6.02 -11.56 14.64
C ALA A 332 -6.83 -12.84 14.42
N ALA A 333 -7.85 -12.77 13.56
CA ALA A 333 -8.70 -13.91 13.19
C ALA A 333 -7.83 -15.02 12.60
N GLN A 334 -6.90 -14.65 11.72
CA GLN A 334 -6.05 -15.63 11.01
C GLN A 334 -5.03 -16.26 11.99
N TYR A 335 -4.50 -15.51 12.96
CA TYR A 335 -3.50 -16.01 13.93
C TYR A 335 -4.21 -16.81 15.03
N GLN A 336 -5.41 -16.38 15.41
CA GLN A 336 -6.33 -17.14 16.30
C GLN A 336 -6.60 -18.51 15.66
N SER A 337 -6.94 -18.52 14.37
CA SER A 337 -7.31 -19.74 13.62
C SER A 337 -6.11 -20.68 13.51
N LEU A 338 -4.92 -20.15 13.21
CA LEU A 338 -3.67 -20.95 13.13
C LEU A 338 -3.35 -21.55 14.51
N LEU A 339 -3.50 -20.75 15.56
CA LEU A 339 -3.21 -21.12 16.98
C LEU A 339 -4.19 -22.22 17.44
N ASN A 340 -5.49 -22.02 17.24
CA ASN A 340 -6.53 -23.05 17.45
C ASN A 340 -6.17 -24.31 16.66
N SER A 341 -5.55 -24.18 15.49
CA SER A 341 -5.21 -25.34 14.61
C SER A 341 -4.16 -26.23 15.28
N TYR A 342 -3.37 -25.71 16.24
CA TYR A 342 -2.26 -26.45 16.91
C TYR A 342 -2.76 -27.27 18.11
N GLY A 343 -3.86 -26.87 18.76
CA GLY A 343 -4.45 -27.55 19.92
C GLY A 343 -4.93 -26.57 20.98
N ARG A 355 7.12 -22.12 17.47
CA ARG A 355 6.10 -21.98 16.39
C ARG A 355 4.78 -21.49 17.02
N ARG A 356 4.27 -22.22 18.02
CA ARG A 356 3.03 -21.84 18.76
C ARG A 356 3.33 -20.56 19.55
N LYS A 357 4.59 -20.35 19.95
CA LYS A 357 5.02 -19.15 20.72
C LYS A 357 4.96 -17.91 19.83
N GLU A 358 5.47 -17.99 18.59
CA GLU A 358 5.38 -16.93 17.55
C GLU A 358 3.91 -16.51 17.40
N ALA A 359 3.05 -17.45 16.95
CA ALA A 359 1.60 -17.26 16.74
C ALA A 359 0.97 -16.57 17.96
N ALA A 360 1.21 -17.09 19.17
CA ALA A 360 0.56 -16.68 20.44
C ALA A 360 0.93 -15.23 20.78
N ASP A 361 2.20 -14.88 20.71
CA ASP A 361 2.71 -13.51 20.97
C ASP A 361 2.11 -12.53 19.95
N MET A 362 2.10 -12.93 18.68
CA MET A 362 1.60 -12.11 17.54
C MET A 362 0.12 -11.82 17.79
N LEU A 363 -0.66 -12.87 18.07
CA LEU A 363 -2.11 -12.77 18.35
C LEU A 363 -2.33 -11.80 19.51
N LYS A 364 -1.54 -11.92 20.57
CA LYS A 364 -1.64 -11.06 21.79
C LYS A 364 -1.40 -9.59 21.40
N ALA A 365 -0.37 -9.35 20.59
CA ALA A 365 0.02 -8.01 20.10
C ALA A 365 -1.09 -7.44 19.20
N LEU A 366 -1.67 -8.26 18.30
CA LEU A 366 -2.77 -7.83 17.40
C LEU A 366 -4.01 -7.47 18.23
N GLN A 367 -4.36 -8.27 19.25
CA GLN A 367 -5.53 -8.04 20.13
C GLN A 367 -5.40 -6.69 20.83
N GLY A 368 -4.21 -6.41 21.38
CA GLY A 368 -3.89 -5.09 21.97
C GLY A 368 -4.03 -3.96 20.95
N ALA A 369 -3.45 -4.15 19.75
CA ALA A 369 -3.47 -3.15 18.65
C ALA A 369 -4.93 -2.85 18.33
N SER A 370 -5.75 -3.89 18.22
CA SER A 370 -7.18 -3.79 17.84
C SER A 370 -7.89 -2.96 18.91
N GLN A 371 -7.62 -3.23 20.20
CA GLN A 371 -8.26 -2.46 21.31
C GLN A 371 -7.78 -1.00 21.28
N ILE A 372 -6.50 -0.76 21.02
CA ILE A 372 -5.96 0.65 21.02
C ILE A 372 -6.63 1.47 19.90
N ILE A 373 -6.82 0.88 18.72
CA ILE A 373 -7.42 1.54 17.52
C ILE A 373 -8.90 1.81 17.79
N ALA A 374 -9.61 0.91 18.45
CA ALA A 374 -11.05 1.02 18.78
C ALA A 374 -11.32 2.19 19.75
N GLU A 375 -10.35 2.57 20.58
CA GLU A 375 -10.49 3.73 21.51
C GLU A 375 -10.58 5.06 20.73
N ILE A 376 -10.29 5.05 19.43
CA ILE A 376 -10.44 6.22 18.49
C ILE A 376 -11.81 6.14 17.79
N ARG A 377 -12.58 7.22 17.81
CA ARG A 377 -13.93 7.34 17.19
C ARG A 377 -14.66 5.99 17.28
N GLY B 18 5.46 2.17 -19.83
CA GLY B 18 6.46 1.83 -20.89
C GLY B 18 5.80 1.19 -22.10
N SER B 19 6.58 0.40 -22.87
CA SER B 19 6.25 -0.14 -24.21
C SER B 19 6.01 -1.66 -24.17
N HIS B 20 5.69 -2.21 -22.99
CA HIS B 20 5.19 -3.61 -22.81
C HIS B 20 4.10 -3.60 -21.73
N MET B 21 3.31 -2.52 -21.71
CA MET B 21 2.15 -2.30 -20.82
C MET B 21 1.14 -3.46 -20.99
N GLU B 22 1.07 -4.06 -22.18
CA GLU B 22 0.10 -5.15 -22.53
C GLU B 22 0.64 -6.52 -22.12
N ALA B 23 1.89 -6.64 -21.70
CA ALA B 23 2.42 -7.87 -21.06
C ALA B 23 2.09 -7.90 -19.55
N LEU B 24 1.60 -6.80 -18.95
CA LEU B 24 1.45 -6.70 -17.49
C LEU B 24 0.29 -7.59 -17.00
N ILE B 25 -0.87 -7.58 -17.66
CA ILE B 25 -2.04 -8.39 -17.21
C ILE B 25 -1.64 -9.87 -17.28
N PRO B 26 -1.07 -10.38 -18.41
CA PRO B 26 -0.64 -11.78 -18.46
C PRO B 26 0.36 -12.18 -17.36
N VAL B 27 1.25 -11.26 -16.98
CA VAL B 27 2.19 -11.54 -15.86
C VAL B 27 1.38 -11.78 -14.58
N ILE B 28 0.43 -10.93 -14.21
CA ILE B 28 -0.32 -11.09 -12.92
C ILE B 28 -1.26 -12.30 -13.05
N ASN B 29 -1.79 -12.54 -14.24
CA ASN B 29 -2.58 -13.77 -14.57
C ASN B 29 -1.78 -15.00 -14.13
N LYS B 30 -0.49 -15.06 -14.44
CA LYS B 30 0.39 -16.20 -14.03
C LYS B 30 0.57 -16.22 -12.52
N LEU B 31 0.77 -15.06 -11.86
CA LEU B 31 0.98 -15.02 -10.39
C LEU B 31 -0.30 -15.47 -9.69
N GLN B 32 -1.46 -15.14 -10.25
CA GLN B 32 -2.78 -15.56 -9.67
C GLN B 32 -2.91 -17.08 -9.71
N ASP B 33 -2.36 -17.74 -10.74
CA ASP B 33 -2.44 -19.22 -10.90
C ASP B 33 -1.49 -19.89 -9.91
N VAL B 34 -0.36 -19.24 -9.61
CA VAL B 34 0.76 -19.83 -8.82
C VAL B 34 0.42 -19.81 -7.32
N PHE B 35 -0.13 -18.72 -6.80
CA PHE B 35 -0.28 -18.54 -5.32
C PHE B 35 -1.65 -19.06 -4.87
N ASN B 36 -1.63 -19.85 -3.80
CA ASN B 36 -2.83 -20.25 -3.03
C ASN B 36 -3.25 -19.03 -2.19
N THR B 37 -4.30 -19.19 -1.36
CA THR B 37 -4.97 -18.11 -0.61
C THR B 37 -3.99 -17.46 0.36
N VAL B 38 -3.14 -18.27 1.00
CA VAL B 38 -2.12 -17.83 1.98
C VAL B 38 -1.06 -17.02 1.23
N GLY B 39 -0.53 -17.56 0.15
CA GLY B 39 0.46 -16.87 -0.68
C GLY B 39 -0.08 -15.53 -1.16
N ALA B 40 -1.33 -15.51 -1.62
CA ALA B 40 -1.99 -14.33 -2.19
C ALA B 40 -2.06 -13.22 -1.15
N ASP B 41 -2.46 -13.54 0.09
CA ASP B 41 -2.48 -12.58 1.24
C ASP B 41 -1.11 -11.95 1.41
N ILE B 42 -0.03 -12.76 1.32
CA ILE B 42 1.35 -12.32 1.60
C ILE B 42 1.83 -11.37 0.48
N ILE B 43 1.54 -11.68 -0.79
CA ILE B 43 2.20 -10.99 -1.95
C ILE B 43 1.41 -9.75 -2.38
N GLN B 44 0.15 -9.57 -2.00
CA GLN B 44 -0.61 -8.31 -2.26
C GLN B 44 -0.57 -7.96 -3.75
N LEU B 45 -1.10 -8.82 -4.59
CA LEU B 45 -1.09 -8.67 -6.07
C LEU B 45 -1.94 -7.47 -6.49
N PRO B 46 -1.53 -6.76 -7.55
CA PRO B 46 -2.37 -5.72 -8.15
C PRO B 46 -3.49 -6.39 -8.96
N GLN B 47 -4.73 -6.24 -8.50
CA GLN B 47 -5.90 -6.86 -9.17
C GLN B 47 -7.16 -6.09 -8.80
N ILE B 48 -8.24 -6.36 -9.55
CA ILE B 48 -9.59 -5.79 -9.36
C ILE B 48 -10.46 -6.84 -8.66
N VAL B 49 -11.07 -6.43 -7.56
CA VAL B 49 -11.98 -7.26 -6.71
C VAL B 49 -13.39 -6.71 -6.91
N VAL B 50 -14.32 -7.57 -7.32
CA VAL B 50 -15.71 -7.15 -7.63
C VAL B 50 -16.52 -7.37 -6.36
N VAL B 51 -17.08 -6.29 -5.83
CA VAL B 51 -17.84 -6.30 -4.55
C VAL B 51 -19.24 -5.76 -4.85
N GLY B 52 -20.26 -6.55 -4.51
CA GLY B 52 -21.66 -6.11 -4.56
C GLY B 52 -22.61 -7.01 -3.78
N THR B 53 -23.89 -6.61 -3.75
CA THR B 53 -25.01 -7.52 -3.39
C THR B 53 -25.35 -8.42 -4.59
N GLN B 54 -25.97 -9.58 -4.33
CA GLN B 54 -26.54 -10.48 -5.37
C GLN B 54 -27.47 -9.67 -6.26
N SER B 55 -28.27 -8.77 -5.65
CA SER B 55 -29.34 -7.97 -6.31
C SER B 55 -28.76 -6.76 -7.05
N SER B 56 -27.45 -6.48 -6.95
CA SER B 56 -26.75 -5.37 -7.65
C SER B 56 -26.63 -5.62 -9.16
N GLY B 57 -26.84 -6.86 -9.61
CA GLY B 57 -26.60 -7.28 -11.01
C GLY B 57 -25.12 -7.40 -11.29
N LYS B 58 -24.32 -7.57 -10.23
CA LYS B 58 -22.85 -7.87 -10.27
C LYS B 58 -22.59 -8.98 -11.30
N SER B 59 -23.38 -10.06 -11.25
CA SER B 59 -23.28 -11.22 -12.16
C SER B 59 -23.46 -10.78 -13.62
N SER B 60 -24.43 -9.89 -13.88
CA SER B 60 -24.76 -9.44 -15.26
C SER B 60 -23.68 -8.50 -15.79
N VAL B 61 -23.03 -7.75 -14.90
CA VAL B 61 -21.84 -6.91 -15.23
C VAL B 61 -20.74 -7.83 -15.76
N LEU B 62 -20.41 -8.89 -15.01
CA LEU B 62 -19.36 -9.85 -15.44
C LEU B 62 -19.71 -10.41 -16.81
N GLU B 63 -20.91 -10.94 -16.96
CA GLU B 63 -21.34 -11.63 -18.22
C GLU B 63 -21.30 -10.62 -19.38
N SER B 64 -21.64 -9.36 -19.12
CA SER B 64 -21.68 -8.28 -20.13
C SER B 64 -20.27 -8.04 -20.70
N LEU B 65 -19.25 -8.19 -19.86
CA LEU B 65 -17.82 -8.01 -20.23
C LEU B 65 -17.31 -9.26 -20.97
N VAL B 66 -17.87 -10.44 -20.64
CA VAL B 66 -17.57 -11.74 -21.31
C VAL B 66 -18.26 -11.76 -22.68
N GLY B 67 -19.41 -11.12 -22.81
CA GLY B 67 -20.21 -11.10 -24.06
C GLY B 67 -21.05 -12.37 -24.25
N ARG B 68 -21.14 -13.20 -23.22
CA ARG B 68 -21.86 -14.51 -23.20
C ARG B 68 -22.29 -14.80 -21.76
N ASP B 69 -23.25 -15.70 -21.56
CA ASP B 69 -23.64 -16.24 -20.23
C ASP B 69 -22.57 -17.24 -19.79
N LEU B 70 -22.32 -17.37 -18.49
CA LEU B 70 -21.53 -18.51 -17.97
C LEU B 70 -21.66 -18.73 -16.46
N LEU B 71 -22.28 -17.85 -15.67
CA LEU B 71 -22.35 -18.04 -14.19
C LEU B 71 -23.60 -18.87 -13.86
N PRO B 72 -23.53 -19.80 -12.88
CA PRO B 72 -24.72 -20.48 -12.38
C PRO B 72 -25.71 -19.51 -11.70
N ARG B 73 -27.01 -19.86 -11.71
CA ARG B 73 -28.11 -19.09 -11.05
C ARG B 73 -28.91 -20.04 -10.14
N GLY B 74 -28.88 -19.84 -8.82
CA GLY B 74 -29.62 -20.70 -7.86
C GLY B 74 -29.87 -20.00 -6.54
N VAL B 78 -25.09 -23.48 -1.44
CA VAL B 78 -23.82 -24.11 -1.93
C VAL B 78 -22.63 -23.40 -1.25
N THR B 79 -21.42 -23.96 -1.39
CA THR B 79 -20.13 -23.29 -1.03
C THR B 79 -19.88 -22.12 -1.98
N ARG B 80 -20.11 -20.88 -1.55
CA ARG B 80 -19.77 -19.66 -2.32
C ARG B 80 -18.24 -19.47 -2.27
N ARG B 81 -17.63 -19.22 -3.44
CA ARG B 81 -16.17 -19.13 -3.62
C ARG B 81 -15.85 -17.94 -4.52
N PRO B 82 -14.66 -17.32 -4.40
CA PRO B 82 -14.20 -16.35 -5.38
C PRO B 82 -14.02 -16.97 -6.78
N LEU B 83 -14.33 -16.19 -7.81
CA LEU B 83 -14.02 -16.51 -9.22
C LEU B 83 -12.93 -15.54 -9.72
N ILE B 84 -11.73 -16.04 -9.97
CA ILE B 84 -10.70 -15.25 -10.71
C ILE B 84 -10.98 -15.46 -12.19
N LEU B 85 -11.59 -14.46 -12.82
CA LEU B 85 -12.02 -14.52 -14.24
C LEU B 85 -11.00 -13.77 -15.11
N GLN B 86 -10.19 -14.50 -15.86
CA GLN B 86 -9.15 -13.94 -16.77
C GLN B 86 -9.70 -13.91 -18.20
N LEU B 87 -9.96 -12.71 -18.72
CA LEU B 87 -10.44 -12.46 -20.10
C LEU B 87 -9.24 -12.16 -21.01
N VAL B 88 -9.13 -12.88 -22.12
CA VAL B 88 -7.96 -12.80 -23.05
C VAL B 88 -8.49 -12.55 -24.46
N HIS B 89 -8.15 -11.38 -25.03
CA HIS B 89 -8.42 -11.03 -26.44
C HIS B 89 -7.63 -11.97 -27.36
N VAL B 90 -8.27 -12.56 -28.39
CA VAL B 90 -7.60 -13.35 -29.47
C VAL B 90 -8.01 -12.85 -30.85
N SER B 91 -7.15 -13.05 -31.84
CA SER B 91 -7.33 -12.63 -33.26
C SER B 91 -8.28 -13.59 -33.99
N GLU B 106 -9.54 -23.72 -33.66
CA GLU B 106 -10.86 -24.39 -33.89
C GLU B 106 -11.98 -23.37 -33.63
N ALA B 107 -12.57 -23.33 -32.42
CA ALA B 107 -13.66 -22.43 -32.01
C ALA B 107 -13.12 -20.99 -31.89
N GLU B 108 -13.97 -19.97 -32.02
CA GLU B 108 -13.63 -18.55 -31.81
C GLU B 108 -13.36 -18.27 -30.33
N GLU B 109 -14.08 -18.97 -29.46
CA GLU B 109 -14.17 -18.68 -28.00
C GLU B 109 -14.03 -20.00 -27.25
N TRP B 110 -13.26 -20.01 -26.15
CA TRP B 110 -13.11 -21.22 -25.31
C TRP B 110 -12.61 -20.84 -23.91
N GLY B 111 -12.64 -21.81 -23.00
CA GLY B 111 -12.29 -21.65 -21.58
C GLY B 111 -11.34 -22.74 -21.11
N LYS B 112 -10.54 -22.39 -20.09
CA LYS B 112 -9.68 -23.31 -19.31
C LYS B 112 -9.85 -22.98 -17.83
N PHE B 113 -9.77 -23.98 -16.96
CA PHE B 113 -9.73 -23.84 -15.50
C PHE B 113 -8.38 -24.35 -15.03
N LEU B 114 -7.80 -23.76 -13.98
CA LEU B 114 -6.50 -24.22 -13.43
C LEU B 114 -6.65 -25.67 -12.95
N HIS B 115 -7.80 -26.01 -12.37
CA HIS B 115 -8.06 -27.31 -11.69
C HIS B 115 -8.33 -28.44 -12.71
N THR B 116 -8.75 -28.14 -13.95
CA THR B 116 -8.89 -29.16 -15.03
C THR B 116 -7.73 -29.01 -16.02
N LYS B 117 -6.58 -28.54 -15.54
CA LYS B 117 -5.32 -28.35 -16.31
C LYS B 117 -5.66 -27.90 -17.73
N ASN B 118 -5.39 -28.73 -18.75
CA ASN B 118 -5.33 -28.30 -20.18
C ASN B 118 -6.64 -28.60 -20.90
N LYS B 119 -7.64 -29.18 -20.24
CA LYS B 119 -8.95 -29.44 -20.88
C LYS B 119 -9.48 -28.12 -21.43
N LEU B 120 -9.72 -28.04 -22.74
CA LEU B 120 -10.31 -26.85 -23.41
C LEU B 120 -11.82 -27.05 -23.43
N TYR B 121 -12.57 -26.00 -23.09
CA TYR B 121 -14.06 -25.99 -23.03
C TYR B 121 -14.57 -25.07 -24.14
N THR B 122 -15.21 -25.62 -25.17
CA THR B 122 -15.82 -24.87 -26.29
C THR B 122 -17.30 -24.61 -25.98
N ASP B 123 -17.93 -25.45 -25.16
CA ASP B 123 -19.37 -25.30 -24.79
C ASP B 123 -19.47 -24.51 -23.48
N PHE B 124 -20.15 -23.35 -23.52
CA PHE B 124 -20.22 -22.40 -22.38
C PHE B 124 -21.20 -22.91 -21.33
N ASP B 125 -22.15 -23.77 -21.72
CA ASP B 125 -23.04 -24.48 -20.75
C ASP B 125 -22.19 -25.44 -19.92
N GLU B 126 -21.25 -26.14 -20.56
CA GLU B 126 -20.28 -27.05 -19.88
C GLU B 126 -19.43 -26.22 -18.91
N ILE B 127 -19.00 -25.01 -19.31
CA ILE B 127 -18.21 -24.10 -18.43
C ILE B 127 -19.05 -23.72 -17.21
N ARG B 128 -20.29 -23.29 -17.41
CA ARG B 128 -21.20 -22.93 -16.29
C ARG B 128 -21.29 -24.12 -15.31
N GLN B 129 -21.53 -25.33 -15.83
CA GLN B 129 -21.69 -26.57 -15.01
C GLN B 129 -20.44 -26.78 -14.15
N GLU B 130 -19.26 -26.62 -14.76
CA GLU B 130 -17.97 -26.82 -14.06
C GLU B 130 -17.85 -25.79 -12.92
N ILE B 131 -18.31 -24.55 -13.10
CA ILE B 131 -18.29 -23.53 -12.02
C ILE B 131 -19.18 -24.03 -10.88
N GLU B 132 -20.39 -24.51 -11.21
CA GLU B 132 -21.33 -25.05 -10.21
C GLU B 132 -20.69 -26.24 -9.49
N ASN B 133 -20.11 -27.18 -10.25
CA ASN B 133 -19.43 -28.38 -9.71
C ASN B 133 -18.40 -27.97 -8.65
N GLU B 134 -17.62 -26.93 -8.93
CA GLU B 134 -16.50 -26.51 -8.05
C GLU B 134 -17.07 -25.87 -6.78
N THR B 135 -18.25 -25.24 -6.85
CA THR B 135 -18.94 -24.66 -5.67
C THR B 135 -19.67 -25.75 -4.88
N GLU B 136 -19.70 -27.01 -5.35
CA GLU B 136 -20.49 -28.11 -4.71
C GLU B 136 -19.61 -28.95 -3.77
N ARG B 137 -18.31 -29.11 -4.06
CA ARG B 137 -17.35 -29.74 -3.11
C ARG B 137 -17.17 -28.76 -1.93
N ILE B 138 -17.12 -29.29 -0.70
CA ILE B 138 -16.95 -28.47 0.55
C ILE B 138 -15.53 -27.90 0.56
N LYS B 143 -18.71 -24.25 6.55
CA LYS B 143 -19.20 -22.91 6.09
C LYS B 143 -19.83 -23.04 4.69
N GLY B 144 -20.73 -22.13 4.35
CA GLY B 144 -21.23 -21.94 2.97
C GLY B 144 -20.30 -21.05 2.15
N VAL B 145 -19.15 -20.65 2.70
CA VAL B 145 -18.16 -19.74 2.07
C VAL B 145 -16.79 -20.38 2.18
N SER B 146 -15.98 -20.28 1.12
CA SER B 146 -14.55 -20.69 1.08
C SER B 146 -13.74 -19.62 0.36
N PRO B 147 -12.55 -19.25 0.89
CA PRO B 147 -11.67 -18.31 0.20
C PRO B 147 -10.92 -18.90 -1.00
N GLU B 148 -11.01 -20.22 -1.24
CA GLU B 148 -10.27 -20.93 -2.33
C GLU B 148 -10.91 -20.55 -3.66
N PRO B 149 -10.25 -19.73 -4.52
CA PRO B 149 -10.88 -19.28 -5.75
C PRO B 149 -10.98 -20.37 -6.82
N ILE B 150 -11.99 -20.24 -7.66
CA ILE B 150 -12.07 -20.91 -8.99
C ILE B 150 -11.30 -20.02 -9.98
N HIS B 151 -10.34 -20.62 -10.69
CA HIS B 151 -9.43 -19.97 -11.68
C HIS B 151 -9.94 -20.31 -13.08
N LEU B 152 -10.59 -19.35 -13.76
CA LEU B 152 -11.20 -19.55 -15.11
C LEU B 152 -10.64 -18.48 -16.06
N LYS B 153 -10.16 -18.94 -17.22
CA LYS B 153 -9.67 -18.08 -18.32
C LYS B 153 -10.61 -18.23 -19.52
N ILE B 154 -11.01 -17.11 -20.13
CA ILE B 154 -11.84 -17.10 -21.36
C ILE B 154 -11.01 -16.45 -22.46
N PHE B 155 -10.87 -17.16 -23.58
CA PHE B 155 -10.27 -16.67 -24.84
C PHE B 155 -11.41 -16.31 -25.81
N SER B 156 -11.34 -15.15 -26.47
CA SER B 156 -12.44 -14.62 -27.30
C SER B 156 -12.02 -13.36 -28.06
N PRO B 157 -12.40 -13.24 -29.35
CA PRO B 157 -12.20 -11.99 -30.09
C PRO B 157 -13.07 -10.84 -29.55
N ASN B 158 -14.10 -11.14 -28.76
CA ASN B 158 -15.13 -10.14 -28.35
C ASN B 158 -14.79 -9.50 -27.00
N VAL B 159 -13.83 -10.04 -26.25
CA VAL B 159 -13.48 -9.50 -24.90
C VAL B 159 -12.27 -8.58 -25.03
N VAL B 160 -12.16 -7.58 -24.15
CA VAL B 160 -10.89 -6.82 -23.90
C VAL B 160 -10.02 -7.65 -22.95
N ASN B 161 -8.73 -7.37 -22.90
CA ASN B 161 -7.80 -8.01 -21.92
C ASN B 161 -8.12 -7.44 -20.54
N LEU B 162 -8.57 -8.30 -19.64
CA LEU B 162 -9.08 -7.88 -18.32
C LEU B 162 -9.18 -9.10 -17.41
N THR B 163 -8.79 -8.91 -16.14
CA THR B 163 -9.01 -9.90 -15.07
C THR B 163 -9.80 -9.26 -13.93
N LEU B 164 -10.81 -9.97 -13.45
CA LEU B 164 -11.66 -9.58 -12.28
C LEU B 164 -11.65 -10.73 -11.27
N VAL B 165 -11.50 -10.40 -9.99
CA VAL B 165 -11.71 -11.37 -8.87
C VAL B 165 -13.10 -11.12 -8.29
N ASP B 166 -14.07 -11.88 -8.76
CA ASP B 166 -15.49 -11.75 -8.35
C ASP B 166 -15.65 -12.44 -6.99
N LEU B 167 -16.19 -11.74 -6.01
CA LEU B 167 -16.40 -12.26 -4.63
C LEU B 167 -17.89 -12.53 -4.46
N PRO B 168 -18.28 -13.56 -3.66
CA PRO B 168 -19.70 -13.82 -3.36
C PRO B 168 -20.47 -12.56 -2.98
N GLY B 169 -21.65 -12.41 -3.59
CA GLY B 169 -22.54 -11.26 -3.40
C GLY B 169 -23.07 -11.20 -1.97
N MET B 170 -23.18 -9.98 -1.44
CA MET B 170 -23.83 -9.72 -0.14
C MET B 170 -25.36 -9.66 -0.34
N THR B 171 -26.11 -9.64 0.76
CA THR B 171 -27.57 -9.45 0.77
C THR B 171 -27.87 -8.43 1.85
N LYS B 172 -28.78 -7.51 1.54
CA LYS B 172 -29.29 -6.48 2.47
C LYS B 172 -29.95 -7.19 3.66
N VAL B 173 -29.55 -6.79 4.87
CA VAL B 173 -30.10 -7.27 6.18
C VAL B 173 -31.17 -6.27 6.63
N PRO B 174 -32.48 -6.59 6.51
CA PRO B 174 -33.53 -5.62 6.84
C PRO B 174 -33.31 -4.97 8.22
N VAL B 175 -33.42 -3.64 8.29
CA VAL B 175 -33.13 -2.81 9.50
C VAL B 175 -33.72 -3.53 10.72
N GLY B 176 -32.84 -4.00 11.63
CA GLY B 176 -33.24 -4.63 12.90
C GLY B 176 -33.01 -6.13 12.92
N ASP B 177 -32.93 -6.78 11.76
CA ASP B 177 -32.79 -8.26 11.63
C ASP B 177 -31.38 -8.67 12.06
N GLN B 178 -31.24 -9.91 12.53
CA GLN B 178 -29.94 -10.56 12.88
C GLN B 178 -29.27 -11.07 11.60
N PRO B 179 -28.11 -10.52 11.19
CA PRO B 179 -27.44 -10.99 9.97
C PRO B 179 -27.09 -12.47 10.14
N LYS B 180 -27.40 -13.29 9.14
CA LYS B 180 -27.08 -14.73 9.12
C LYS B 180 -25.56 -14.91 9.20
N ASP B 181 -25.10 -16.05 9.73
CA ASP B 181 -23.64 -16.35 9.81
C ASP B 181 -23.03 -16.32 8.40
N ILE B 182 -23.67 -16.96 7.40
CA ILE B 182 -23.22 -16.98 5.98
C ILE B 182 -22.97 -15.54 5.50
N GLU B 183 -23.90 -14.62 5.80
CA GLU B 183 -23.79 -13.21 5.38
C GLU B 183 -22.58 -12.56 6.06
N LEU B 184 -22.37 -12.77 7.35
CA LEU B 184 -21.17 -12.24 8.05
C LEU B 184 -19.90 -12.84 7.42
N GLN B 185 -19.91 -14.12 7.05
CA GLN B 185 -18.74 -14.83 6.47
C GLN B 185 -18.42 -14.24 5.10
N ILE B 186 -19.42 -13.94 4.27
CA ILE B 186 -19.24 -13.32 2.93
C ILE B 186 -18.56 -11.96 3.11
N ARG B 187 -18.96 -11.19 4.14
CA ARG B 187 -18.41 -9.83 4.43
C ARG B 187 -16.96 -9.96 4.96
N GLU B 188 -16.66 -10.94 5.81
CA GLU B 188 -15.27 -11.19 6.28
C GLU B 188 -14.36 -11.57 5.10
N LEU B 189 -14.85 -12.41 4.19
CA LEU B 189 -14.12 -12.83 2.97
C LEU B 189 -13.88 -11.58 2.11
N ILE B 190 -14.90 -10.74 1.90
CA ILE B 190 -14.69 -9.49 1.13
C ILE B 190 -13.59 -8.67 1.81
N LEU B 191 -13.67 -8.48 3.13
CA LEU B 191 -12.68 -7.65 3.89
C LEU B 191 -11.27 -8.25 3.73
N ARG B 192 -11.17 -9.58 3.70
CA ARG B 192 -9.89 -10.31 3.53
C ARG B 192 -9.27 -9.87 2.19
N PHE B 193 -10.06 -9.86 1.10
CA PHE B 193 -9.56 -9.55 -0.26
C PHE B 193 -9.29 -8.06 -0.43
N ILE B 194 -10.18 -7.16 -0.01
CA ILE B 194 -10.08 -5.69 -0.31
C ILE B 194 -9.09 -5.02 0.64
N SER B 195 -8.64 -5.72 1.69
CA SER B 195 -7.59 -5.20 2.61
C SER B 195 -6.20 -5.36 1.97
N ASN B 196 -6.12 -6.16 0.89
CA ASN B 196 -4.99 -6.10 -0.07
C ASN B 196 -4.84 -4.64 -0.53
N PRO B 197 -3.78 -3.91 -0.13
CA PRO B 197 -3.67 -2.49 -0.43
C PRO B 197 -3.52 -2.21 -1.94
N ASN B 198 -3.18 -3.23 -2.72
CA ASN B 198 -3.02 -3.12 -4.19
C ASN B 198 -4.27 -3.65 -4.89
N SER B 199 -5.36 -3.87 -4.15
CA SER B 199 -6.66 -4.24 -4.75
C SER B 199 -7.38 -2.96 -5.17
N ILE B 200 -7.89 -2.94 -6.40
CA ILE B 200 -8.87 -1.93 -6.89
C ILE B 200 -10.25 -2.53 -6.69
N ILE B 201 -11.15 -1.79 -6.04
CA ILE B 201 -12.50 -2.30 -5.69
C ILE B 201 -13.46 -1.83 -6.78
N LEU B 202 -14.02 -2.77 -7.54
CA LEU B 202 -15.19 -2.53 -8.43
C LEU B 202 -16.46 -2.68 -7.58
N ALA B 203 -16.92 -1.57 -6.98
CA ALA B 203 -18.13 -1.52 -6.12
C ALA B 203 -19.36 -1.40 -7.01
N VAL B 204 -20.23 -2.41 -7.01
CA VAL B 204 -21.45 -2.49 -7.87
C VAL B 204 -22.69 -2.22 -7.01
N THR B 205 -23.53 -1.28 -7.47
CA THR B 205 -24.78 -0.83 -6.78
C THR B 205 -25.86 -0.60 -7.83
N ALA B 206 -27.06 -1.11 -7.61
CA ALA B 206 -28.26 -0.84 -8.44
C ALA B 206 -28.71 0.63 -8.29
N ALA B 207 -29.05 1.29 -9.40
CA ALA B 207 -29.54 2.69 -9.42
C ALA B 207 -30.89 2.83 -8.69
N ASN B 208 -31.67 1.74 -8.59
CA ASN B 208 -32.94 1.65 -7.81
C ASN B 208 -32.73 2.16 -6.38
N THR B 209 -31.60 1.83 -5.78
CA THR B 209 -31.41 1.73 -4.32
C THR B 209 -30.74 3.01 -3.81
N ASP B 210 -31.16 3.44 -2.63
CA ASP B 210 -30.53 4.50 -1.81
C ASP B 210 -29.01 4.22 -1.80
N MET B 211 -28.23 5.03 -2.51
CA MET B 211 -26.76 4.89 -2.71
C MET B 211 -26.02 5.15 -1.39
N ALA B 212 -26.62 5.92 -0.48
CA ALA B 212 -26.10 6.18 0.88
C ALA B 212 -26.05 4.86 1.65
N THR B 213 -26.96 3.92 1.37
CA THR B 213 -27.05 2.60 2.04
C THR B 213 -26.50 1.47 1.17
N SER B 214 -25.76 1.75 0.08
CA SER B 214 -25.07 0.70 -0.73
C SER B 214 -24.15 -0.11 0.19
N GLU B 215 -24.32 -1.42 0.20
CA GLU B 215 -23.50 -2.36 1.01
C GLU B 215 -22.09 -2.36 0.40
N ALA B 216 -22.01 -2.31 -0.93
CA ALA B 216 -20.73 -2.32 -1.69
C ALA B 216 -19.93 -1.09 -1.27
N LEU B 217 -20.56 0.09 -1.29
CA LEU B 217 -19.88 1.36 -0.97
C LEU B 217 -19.53 1.40 0.53
N LYS B 218 -20.41 0.92 1.41
CA LYS B 218 -20.13 0.94 2.88
C LYS B 218 -18.93 0.03 3.18
N ILE B 219 -18.90 -1.20 2.67
CA ILE B 219 -17.83 -2.15 3.04
C ILE B 219 -16.51 -1.67 2.45
N SER B 220 -16.54 -0.98 1.30
CA SER B 220 -15.30 -0.50 0.63
C SER B 220 -14.63 0.56 1.51
N ARG B 221 -15.42 1.38 2.19
CA ARG B 221 -14.94 2.52 3.03
C ARG B 221 -14.26 2.00 4.31
N GLU B 222 -14.46 0.73 4.66
CA GLU B 222 -13.76 0.09 5.81
C GLU B 222 -12.27 -0.09 5.51
N VAL B 223 -11.86 -0.06 4.24
CA VAL B 223 -10.42 -0.13 3.85
C VAL B 223 -9.98 1.13 3.08
N ASP B 224 -10.90 1.76 2.33
CA ASP B 224 -10.63 2.85 1.35
C ASP B 224 -11.65 3.96 1.61
N PRO B 225 -11.49 4.71 2.73
CA PRO B 225 -12.50 5.69 3.17
C PRO B 225 -12.84 6.80 2.17
N ASP B 226 -11.85 7.25 1.39
CA ASP B 226 -11.99 8.38 0.43
C ASP B 226 -12.17 7.80 -0.98
N GLY B 227 -12.28 6.48 -1.12
CA GLY B 227 -12.46 5.81 -2.41
C GLY B 227 -11.32 6.09 -3.38
N ARG B 228 -10.07 6.16 -2.89
CA ARG B 228 -8.93 6.42 -3.80
C ARG B 228 -8.52 5.15 -4.56
N ARG B 229 -9.10 3.97 -4.27
CA ARG B 229 -8.85 2.76 -5.07
C ARG B 229 -10.18 2.06 -5.32
N THR B 230 -11.25 2.85 -5.46
CA THR B 230 -12.63 2.35 -5.66
C THR B 230 -13.22 2.99 -6.92
N LEU B 231 -13.71 2.15 -7.84
CA LEU B 231 -14.53 2.55 -9.02
C LEU B 231 -15.96 2.05 -8.78
N ALA B 232 -16.97 2.91 -8.96
CA ALA B 232 -18.39 2.60 -8.73
C ALA B 232 -19.06 2.24 -10.05
N VAL B 233 -19.69 1.08 -10.13
CA VAL B 233 -20.60 0.74 -11.26
C VAL B 233 -22.03 0.85 -10.75
N ILE B 234 -22.87 1.62 -11.45
CA ILE B 234 -24.32 1.80 -11.18
C ILE B 234 -25.10 1.02 -12.24
N THR B 235 -25.78 -0.03 -11.82
CA THR B 235 -26.55 -0.95 -12.70
C THR B 235 -28.00 -0.47 -12.72
N LYS B 236 -28.79 -1.01 -13.66
CA LYS B 236 -30.27 -0.88 -13.67
C LYS B 236 -30.70 0.60 -13.72
N LEU B 237 -30.05 1.40 -14.57
CA LEU B 237 -30.41 2.82 -14.80
C LEU B 237 -31.87 2.96 -15.26
N ASP B 238 -32.35 1.97 -16.03
CA ASP B 238 -33.71 1.93 -16.63
C ASP B 238 -34.78 1.61 -15.58
N LEU B 239 -34.41 1.06 -14.42
CA LEU B 239 -35.40 0.55 -13.42
C LEU B 239 -35.59 1.55 -12.27
N MET B 240 -35.16 2.80 -12.45
CA MET B 240 -35.34 3.87 -11.46
C MET B 240 -36.82 4.29 -11.42
N ASP B 241 -37.33 4.55 -10.21
CA ASP B 241 -38.69 5.13 -9.96
C ASP B 241 -38.89 6.32 -10.91
N ALA B 242 -40.06 6.39 -11.55
CA ALA B 242 -40.39 7.40 -12.58
C ALA B 242 -40.36 8.80 -11.96
N GLY B 243 -39.75 9.77 -12.66
CA GLY B 243 -39.55 11.15 -12.17
C GLY B 243 -38.32 11.29 -11.28
N THR B 244 -37.42 10.29 -11.30
CA THR B 244 -36.04 10.35 -10.73
C THR B 244 -35.07 9.78 -11.77
N ASP B 245 -33.81 10.21 -11.72
CA ASP B 245 -32.73 9.77 -12.64
C ASP B 245 -31.42 9.66 -11.85
N ALA B 246 -30.34 9.24 -12.51
CA ALA B 246 -28.99 9.05 -11.92
C ALA B 246 -28.06 10.21 -12.31
N MET B 247 -28.60 11.32 -12.83
CA MET B 247 -27.76 12.42 -13.38
C MET B 247 -26.72 12.85 -12.34
N ASP B 248 -27.15 13.09 -11.10
CA ASP B 248 -26.27 13.59 -10.00
C ASP B 248 -25.14 12.59 -9.76
N VAL B 249 -25.47 11.31 -9.64
CA VAL B 249 -24.46 10.23 -9.42
C VAL B 249 -23.47 10.25 -10.59
N LEU B 250 -23.95 10.28 -11.85
CA LEU B 250 -23.08 10.11 -13.05
C LEU B 250 -22.30 11.39 -13.35
N MET B 251 -22.73 12.53 -12.81
CA MET B 251 -21.97 13.80 -12.87
C MET B 251 -20.98 13.86 -11.70
N GLY B 252 -20.98 12.87 -10.80
CA GLY B 252 -19.96 12.75 -9.73
C GLY B 252 -20.20 13.74 -8.59
N ARG B 253 -21.45 13.88 -8.14
CA ARG B 253 -21.85 14.81 -7.05
C ARG B 253 -22.41 14.05 -5.84
N VAL B 254 -22.48 12.72 -5.88
CA VAL B 254 -23.19 11.89 -4.85
C VAL B 254 -22.19 10.92 -4.20
N ILE B 255 -21.56 10.04 -4.99
CA ILE B 255 -20.70 8.94 -4.50
C ILE B 255 -19.26 9.45 -4.35
N PRO B 256 -18.67 9.41 -3.13
CA PRO B 256 -17.28 9.79 -2.95
C PRO B 256 -16.34 8.62 -3.28
N VAL B 257 -16.12 8.35 -4.57
CA VAL B 257 -15.00 7.50 -5.06
C VAL B 257 -14.31 8.22 -6.22
N LYS B 258 -13.02 7.91 -6.41
CA LYS B 258 -12.09 8.71 -7.23
C LYS B 258 -11.75 8.04 -8.58
N LEU B 259 -12.02 6.74 -8.78
CA LEU B 259 -11.52 6.03 -10.01
C LEU B 259 -12.58 6.02 -11.11
N GLY B 260 -13.73 6.66 -10.87
CA GLY B 260 -14.82 6.86 -11.82
C GLY B 260 -16.14 6.34 -11.28
N ILE B 261 -17.22 6.84 -11.87
CA ILE B 261 -18.62 6.33 -11.75
C ILE B 261 -19.06 5.95 -13.17
N ILE B 262 -19.44 4.69 -13.39
CA ILE B 262 -19.90 4.22 -14.73
C ILE B 262 -21.26 3.55 -14.56
N GLY B 263 -22.26 4.07 -15.27
CA GLY B 263 -23.63 3.52 -15.32
C GLY B 263 -23.73 2.49 -16.43
N VAL B 264 -24.44 1.38 -16.17
CA VAL B 264 -24.70 0.35 -17.19
C VAL B 264 -26.17 -0.09 -17.11
N VAL B 265 -26.65 -0.68 -18.19
CA VAL B 265 -27.94 -1.41 -18.26
C VAL B 265 -27.62 -2.81 -18.78
N ASN B 266 -27.76 -3.82 -17.94
CA ASN B 266 -27.52 -5.24 -18.30
C ASN B 266 -28.86 -5.86 -18.68
N ARG B 267 -28.83 -7.13 -19.10
CA ARG B 267 -30.03 -7.97 -19.31
C ARG B 267 -30.73 -8.21 -17.96
N SER B 268 -32.03 -7.91 -17.90
CA SER B 268 -32.97 -8.27 -16.81
C SER B 268 -33.19 -9.78 -16.78
N GLN B 269 -33.60 -10.31 -15.63
CA GLN B 269 -33.97 -11.75 -15.41
C GLN B 269 -34.95 -12.19 -16.52
N LEU B 270 -35.77 -11.27 -17.04
CA LEU B 270 -36.72 -11.51 -18.17
C LEU B 270 -35.91 -11.74 -19.45
N ASP B 271 -35.08 -10.77 -19.84
CA ASP B 271 -34.19 -10.84 -21.04
C ASP B 271 -33.50 -12.20 -21.07
N ILE B 272 -32.91 -12.61 -19.95
CA ILE B 272 -32.17 -13.91 -19.81
C ILE B 272 -33.14 -15.04 -20.13
N ASN B 273 -34.26 -15.12 -19.40
CA ASN B 273 -35.33 -16.14 -19.57
C ASN B 273 -35.75 -16.21 -21.05
N ASN B 274 -35.70 -15.08 -21.76
CA ASN B 274 -36.13 -14.94 -23.19
C ASN B 274 -34.94 -15.15 -24.14
N LYS B 275 -33.79 -15.59 -23.61
CA LYS B 275 -32.55 -15.91 -24.38
C LYS B 275 -32.09 -14.69 -25.18
N LYS B 276 -32.30 -13.46 -24.66
CA LYS B 276 -31.79 -12.22 -25.28
C LYS B 276 -30.26 -12.27 -25.22
N SER B 277 -29.58 -12.03 -26.34
CA SER B 277 -28.09 -12.04 -26.42
C SER B 277 -27.53 -10.83 -25.65
N VAL B 278 -26.33 -10.98 -25.09
CA VAL B 278 -25.57 -9.87 -24.43
C VAL B 278 -25.29 -8.79 -25.47
N THR B 279 -24.85 -9.18 -26.67
CA THR B 279 -24.55 -8.26 -27.81
C THR B 279 -25.76 -7.34 -28.08
N ASP B 280 -26.98 -7.87 -28.02
CA ASP B 280 -28.24 -7.10 -28.31
C ASP B 280 -28.59 -6.22 -27.12
N SER B 281 -28.35 -6.69 -25.89
CA SER B 281 -28.52 -5.92 -24.63
C SER B 281 -27.63 -4.67 -24.65
N ILE B 282 -26.46 -4.75 -25.30
CA ILE B 282 -25.45 -3.66 -25.37
C ILE B 282 -25.92 -2.60 -26.37
N ARG B 283 -26.44 -3.02 -27.53
CA ARG B 283 -27.05 -2.10 -28.54
C ARG B 283 -28.18 -1.31 -27.86
N ASP B 284 -29.05 -2.01 -27.13
CA ASP B 284 -30.24 -1.44 -26.44
C ASP B 284 -29.78 -0.54 -25.30
N GLU B 285 -28.63 -0.85 -24.68
CA GLU B 285 -28.04 -0.07 -23.57
C GLU B 285 -27.56 1.28 -24.09
N TYR B 286 -26.88 1.30 -25.23
CA TYR B 286 -26.30 2.56 -25.78
C TYR B 286 -27.42 3.44 -26.32
N ALA B 287 -28.46 2.84 -26.91
CA ALA B 287 -29.67 3.57 -27.35
C ALA B 287 -30.26 4.32 -26.15
N PHE B 288 -30.49 3.61 -25.04
CA PHE B 288 -31.02 4.14 -23.75
C PHE B 288 -30.16 5.32 -23.26
N LEU B 289 -28.85 5.12 -23.09
CA LEU B 289 -27.91 6.17 -22.61
C LEU B 289 -28.00 7.42 -23.50
N GLN B 290 -28.02 7.25 -24.84
CA GLN B 290 -28.12 8.36 -25.81
C GLN B 290 -29.45 9.10 -25.65
N LYS B 291 -30.51 8.37 -25.27
CA LYS B 291 -31.88 8.91 -25.04
C LYS B 291 -31.92 9.70 -23.73
N LYS B 292 -31.49 9.09 -22.61
CA LYS B 292 -31.72 9.62 -21.24
C LYS B 292 -30.53 10.45 -20.73
N TYR B 293 -29.31 10.18 -21.21
CA TYR B 293 -28.05 10.75 -20.64
C TYR B 293 -27.13 11.18 -21.79
N PRO B 294 -27.65 11.97 -22.76
CA PRO B 294 -26.95 12.21 -24.02
C PRO B 294 -25.59 12.90 -23.80
N SER B 295 -25.52 13.83 -22.85
CA SER B 295 -24.28 14.54 -22.47
C SER B 295 -23.23 13.58 -21.90
N LEU B 296 -23.62 12.40 -21.40
CA LEU B 296 -22.73 11.47 -20.64
C LEU B 296 -22.55 10.12 -21.34
N ALA B 297 -23.27 9.85 -22.43
CA ALA B 297 -23.35 8.50 -23.06
C ALA B 297 -21.96 7.95 -23.42
N ASN B 298 -21.03 8.81 -23.85
CA ASN B 298 -19.69 8.40 -24.34
C ASN B 298 -18.79 7.97 -23.17
N ARG B 299 -19.16 8.30 -21.91
CA ARG B 299 -18.41 7.91 -20.67
C ARG B 299 -19.26 6.94 -19.82
N ASN B 300 -20.16 6.17 -20.43
CA ASN B 300 -20.97 5.15 -19.72
C ASN B 300 -21.22 3.96 -20.64
N GLY B 301 -21.82 2.91 -20.10
CA GLY B 301 -22.18 1.68 -20.84
C GLY B 301 -21.10 0.63 -20.78
N THR B 302 -21.38 -0.55 -21.33
CA THR B 302 -20.61 -1.80 -21.14
C THR B 302 -19.26 -1.68 -21.86
N LYS B 303 -19.25 -1.23 -23.12
CA LYS B 303 -18.02 -1.10 -23.94
C LYS B 303 -17.05 -0.14 -23.24
N TYR B 304 -17.54 0.99 -22.73
CA TYR B 304 -16.69 2.00 -22.04
C TYR B 304 -16.19 1.42 -20.71
N LEU B 305 -17.03 0.70 -19.97
CA LEU B 305 -16.59 0.04 -18.70
C LEU B 305 -15.41 -0.91 -19.03
N ALA B 306 -15.57 -1.71 -20.07
CA ALA B 306 -14.60 -2.75 -20.49
C ALA B 306 -13.26 -2.07 -20.81
N ARG B 307 -13.29 -1.04 -21.68
CA ARG B 307 -12.08 -0.29 -22.08
C ARG B 307 -11.48 0.35 -20.83
N THR B 308 -12.30 0.98 -19.98
CA THR B 308 -11.85 1.70 -18.77
C THR B 308 -11.08 0.74 -17.86
N LEU B 309 -11.65 -0.45 -17.62
CA LEU B 309 -11.09 -1.41 -16.64
C LEU B 309 -9.78 -1.97 -17.21
N ASN B 310 -9.74 -2.26 -18.52
CA ASN B 310 -8.51 -2.73 -19.23
C ASN B 310 -7.39 -1.70 -19.03
N ARG B 311 -7.67 -0.42 -19.31
CA ARG B 311 -6.68 0.68 -19.19
C ARG B 311 -6.25 0.80 -17.73
N LEU B 312 -7.24 0.81 -16.81
CA LEU B 312 -7.00 1.02 -15.36
C LEU B 312 -6.13 -0.09 -14.79
N LEU B 313 -6.37 -1.35 -15.18
CA LEU B 313 -5.63 -2.51 -14.64
C LEU B 313 -4.17 -2.46 -15.09
N MET B 314 -3.95 -2.26 -16.39
CA MET B 314 -2.61 -2.08 -17.01
C MET B 314 -1.84 -0.98 -16.26
N HIS B 315 -2.43 0.22 -16.09
CA HIS B 315 -1.79 1.34 -15.36
C HIS B 315 -1.53 0.94 -13.89
N HIS B 316 -2.49 0.31 -13.22
CA HIS B 316 -2.36 -0.11 -11.80
C HIS B 316 -1.18 -1.09 -11.65
N ILE B 317 -1.08 -2.07 -12.54
CA ILE B 317 0.00 -3.10 -12.47
C ILE B 317 1.35 -2.43 -12.72
N ARG B 318 1.47 -1.60 -13.76
CA ARG B 318 2.69 -0.81 -14.01
C ARG B 318 3.06 -0.05 -12.72
N ASP B 319 2.13 0.68 -12.11
CA ASP B 319 2.32 1.50 -10.89
C ASP B 319 2.83 0.66 -9.71
N CYS B 320 2.38 -0.59 -9.59
CA CYS B 320 2.66 -1.48 -8.44
C CYS B 320 3.88 -2.40 -8.70
N LEU B 321 4.33 -2.53 -9.95
CA LEU B 321 5.29 -3.60 -10.32
C LEU B 321 6.59 -3.47 -9.54
N PRO B 322 7.24 -2.28 -9.45
CA PRO B 322 8.51 -2.16 -8.70
C PRO B 322 8.35 -2.55 -7.22
N GLU B 323 7.26 -2.12 -6.60
CA GLU B 323 6.90 -2.48 -5.20
C GLU B 323 6.75 -3.99 -5.10
N LEU B 324 6.10 -4.63 -6.08
CA LEU B 324 5.85 -6.09 -6.09
C LEU B 324 7.19 -6.85 -6.22
N LYS B 325 8.07 -6.45 -7.14
CA LYS B 325 9.40 -7.09 -7.34
C LYS B 325 10.21 -6.99 -6.04
N THR B 326 10.26 -5.80 -5.43
CA THR B 326 10.97 -5.55 -4.14
C THR B 326 10.42 -6.49 -3.07
N ARG B 327 9.11 -6.49 -2.82
CA ARG B 327 8.46 -7.35 -1.77
C ARG B 327 8.72 -8.83 -2.06
N ILE B 328 8.71 -9.27 -3.31
CA ILE B 328 9.06 -10.68 -3.68
C ILE B 328 10.50 -10.97 -3.24
N ASN B 329 11.45 -10.09 -3.54
CA ASN B 329 12.89 -10.25 -3.16
C ASN B 329 13.06 -10.18 -1.64
N VAL B 330 12.35 -9.31 -0.93
CA VAL B 330 12.42 -9.22 0.56
C VAL B 330 11.88 -10.54 1.15
N LEU B 331 10.76 -11.05 0.65
CA LEU B 331 10.13 -12.29 1.18
C LEU B 331 11.03 -13.52 0.88
N ALA B 332 11.63 -13.59 -0.30
CA ALA B 332 12.54 -14.68 -0.70
C ALA B 332 13.72 -14.71 0.29
N ALA B 333 14.33 -13.55 0.57
CA ALA B 333 15.42 -13.40 1.55
C ALA B 333 14.92 -13.85 2.92
N GLN B 334 13.70 -13.47 3.31
CA GLN B 334 13.12 -13.81 4.63
C GLN B 334 12.82 -15.31 4.71
N TYR B 335 12.37 -15.95 3.63
CA TYR B 335 12.01 -17.40 3.59
C TYR B 335 13.29 -18.23 3.50
N GLN B 336 14.27 -17.75 2.74
CA GLN B 336 15.65 -18.30 2.68
C GLN B 336 16.24 -18.30 4.10
N SER B 337 16.12 -17.19 4.81
CA SER B 337 16.71 -16.98 6.16
C SER B 337 16.02 -17.90 7.17
N LEU B 338 14.68 -18.02 7.12
CA LEU B 338 13.90 -18.90 8.02
C LEU B 338 14.28 -20.36 7.75
N LEU B 339 14.43 -20.73 6.47
CA LEU B 339 14.79 -22.10 6.00
C LEU B 339 16.20 -22.45 6.48
N ASN B 340 17.18 -21.58 6.22
CA ASN B 340 18.53 -21.65 6.85
C ASN B 340 18.34 -21.61 8.37
N SER B 354 5.64 -29.47 8.70
CA SER B 354 5.65 -28.39 9.73
C SER B 354 6.29 -27.12 9.15
N ARG B 355 7.35 -26.59 9.79
CA ARG B 355 8.01 -25.31 9.42
C ARG B 355 8.60 -25.39 8.01
N ARG B 356 9.44 -26.40 7.75
CA ARG B 356 10.36 -26.48 6.58
C ARG B 356 9.60 -26.55 5.27
N LYS B 357 8.48 -27.29 5.24
CA LYS B 357 7.70 -27.54 4.00
C LYS B 357 6.99 -26.24 3.56
N GLU B 358 6.37 -25.52 4.50
CA GLU B 358 5.76 -24.18 4.30
C GLU B 358 6.79 -23.26 3.65
N ALA B 359 7.89 -22.97 4.37
CA ALA B 359 9.00 -22.08 3.95
C ALA B 359 9.45 -22.44 2.52
N ALA B 360 9.72 -23.74 2.28
CA ALA B 360 10.32 -24.27 1.03
C ALA B 360 9.39 -24.02 -0.16
N ASP B 361 8.11 -24.36 -0.01
CA ASP B 361 7.07 -24.18 -1.07
C ASP B 361 6.92 -22.69 -1.38
N MET B 362 6.88 -21.87 -0.33
CA MET B 362 6.69 -20.40 -0.43
C MET B 362 7.86 -19.80 -1.19
N LEU B 363 9.07 -20.14 -0.77
CA LEU B 363 10.33 -19.69 -1.44
C LEU B 363 10.29 -20.10 -2.91
N LYS B 364 9.88 -21.33 -3.21
CA LYS B 364 9.79 -21.87 -4.60
C LYS B 364 8.82 -21.01 -5.41
N ALA B 365 7.67 -20.68 -4.83
CA ALA B 365 6.62 -19.85 -5.44
C ALA B 365 7.14 -18.42 -5.69
N LEU B 366 7.89 -17.84 -4.74
CA LEU B 366 8.47 -16.48 -4.89
C LEU B 366 9.53 -16.47 -6.01
N GLN B 367 10.40 -17.49 -6.05
CA GLN B 367 11.46 -17.66 -7.09
C GLN B 367 10.80 -17.74 -8.46
N GLY B 368 9.73 -18.53 -8.59
CA GLY B 368 8.88 -18.60 -9.80
C GLY B 368 8.30 -17.24 -10.16
N ALA B 369 7.70 -16.55 -9.20
CA ALA B 369 7.08 -15.22 -9.39
C ALA B 369 8.12 -14.26 -9.95
N SER B 370 9.32 -14.28 -9.37
CA SER B 370 10.46 -13.43 -9.78
C SER B 370 10.83 -13.75 -11.24
N GLN B 371 10.91 -15.02 -11.61
CA GLN B 371 11.20 -15.46 -13.01
C GLN B 371 10.06 -15.03 -13.94
N ILE B 372 8.79 -15.11 -13.52
CA ILE B 372 7.62 -14.74 -14.37
C ILE B 372 7.70 -13.24 -14.70
N ILE B 373 8.04 -12.39 -13.73
CA ILE B 373 8.13 -10.91 -13.91
C ILE B 373 9.28 -10.60 -14.88
N ALA B 374 10.40 -11.30 -14.76
CA ALA B 374 11.62 -11.14 -15.59
C ALA B 374 11.38 -11.52 -17.06
N GLU B 375 10.36 -12.32 -17.39
CA GLU B 375 10.11 -12.82 -18.77
C GLU B 375 9.70 -11.68 -19.73
N ILE B 376 9.35 -10.51 -19.18
CA ILE B 376 9.04 -9.26 -19.96
C ILE B 376 10.28 -8.36 -20.01
N ARG B 377 11.34 -8.67 -19.25
CA ARG B 377 12.67 -8.05 -19.47
C ARG B 377 12.85 -7.93 -20.99
N GLU B 378 13.09 -6.72 -21.47
CA GLU B 378 13.35 -6.47 -22.91
C GLU B 378 14.74 -7.04 -23.26
N THR B 379 14.81 -7.99 -24.19
CA THR B 379 16.04 -8.78 -24.52
C THR B 379 16.47 -8.58 -25.98
N HIS B 380 15.64 -8.00 -26.86
CA HIS B 380 15.74 -8.10 -28.34
C HIS B 380 16.11 -6.77 -29.03
N LEU B 381 16.54 -5.74 -28.29
CA LEU B 381 16.75 -4.37 -28.85
C LEU B 381 18.17 -4.21 -29.41
N TRP B 382 19.03 -5.21 -29.21
CA TRP B 382 20.45 -5.17 -29.64
C TRP B 382 20.98 -6.60 -29.82
#